data_7X0I
#
_entry.id   7X0I
#
_cell.length_a   63.460
_cell.length_b   67.350
_cell.length_c   180.550
_cell.angle_alpha   90.000
_cell.angle_beta   90.000
_cell.angle_gamma   90.000
#
_symmetry.space_group_name_H-M   'P 21 21 21'
#
loop_
_entity.id
_entity.type
_entity.pdbx_description
1 polymer CbpB
2 water water
#
_entity_poly.entity_id   1
_entity_poly.type   'polypeptide(L)'
_entity_poly.pdbx_seq_one_letter_code
;SVKLTMWIMPNSDTPDQDLLKVVKPFTDANPHITVEPTVVDWSAALTKITAAATSGEAPDITQVGSTWTAAIGAMEGALV
ELTGKIDTSAFVESTLQSAYIKGTDKMFGMPWFTETRALFYRKDACEKAGVNPETDFATWDKFKDALKKLNGIEVDGKKL
AALGMPGKNDWNVVHNFSWWIYGAGGDFVNEEGTQATFSSENALKGIKFYSELAVEGLMDEPSLEKNTSDIESAFGDGAY
ATAFMGPWVISSYTKNKEENGNDLIDKIGVTMVPEGPAGRYAFMGGSNLVIFNSSKNKDEALELLKFFASKEAQVEYSKV
SKMLPVVKAAYEDPYFEDSLMKVFKEQVDKYGKHYASVPGWASAEVIFSEGLSKIWDNVMEVDGAYSYDKTVQIVKDVES
QINQILQETSK
;
_entity_poly.pdbx_strand_id   A,B
#
# COMPACT_ATOMS: atom_id res chain seq x y z
N SER A 1 11.03 -4.35 -45.13
CA SER A 1 10.51 -3.39 -44.14
C SER A 1 11.16 -3.63 -42.78
N VAL A 2 11.01 -2.67 -41.88
CA VAL A 2 11.67 -2.68 -40.58
C VAL A 2 10.60 -2.78 -39.50
N LYS A 3 10.72 -3.78 -38.64
CA LYS A 3 9.86 -3.92 -37.48
C LYS A 3 10.64 -3.43 -36.27
N LEU A 4 10.28 -2.26 -35.75
CA LEU A 4 10.88 -1.76 -34.52
C LEU A 4 10.14 -2.37 -33.33
N THR A 5 10.86 -3.03 -32.44
CA THR A 5 10.29 -3.52 -31.20
C THR A 5 10.59 -2.51 -30.11
N MET A 6 9.63 -2.33 -29.21
CA MET A 6 9.69 -1.31 -28.19
C MET A 6 9.05 -1.85 -26.93
N TRP A 7 9.78 -1.76 -25.82
CA TRP A 7 9.21 -2.05 -24.50
C TRP A 7 8.68 -0.76 -23.89
N ILE A 8 7.45 -0.82 -23.38
CA ILE A 8 6.86 0.27 -22.62
C ILE A 8 6.39 -0.28 -21.29
N MET A 9 6.37 0.59 -20.31
CA MET A 9 5.71 0.30 -19.04
C MET A 9 4.27 0.76 -19.12
N PRO A 10 3.43 0.34 -18.18
CA PRO A 10 1.99 0.69 -18.29
C PRO A 10 1.71 2.16 -17.99
N ASN A 11 1.74 3.03 -19.01
CA ASN A 11 1.60 4.47 -18.80
C ASN A 11 0.18 4.99 -18.97
N SER A 12 -0.71 4.21 -19.57
CA SER A 12 -2.06 4.63 -19.88
C SER A 12 -3.01 3.44 -19.68
N ASP A 13 -4.31 3.69 -19.87
CA ASP A 13 -5.33 2.70 -19.52
C ASP A 13 -5.21 1.43 -20.36
N THR A 14 -4.85 1.57 -21.64
CA THR A 14 -4.69 0.44 -22.57
C THR A 14 -3.35 0.64 -23.25
N PRO A 15 -2.26 0.23 -22.59
CA PRO A 15 -0.93 0.72 -23.01
C PRO A 15 -0.57 0.52 -24.47
N ASP A 16 -0.69 -0.71 -24.98
CA ASP A 16 -0.27 -1.00 -26.34
C ASP A 16 -1.09 -0.21 -27.34
N GLN A 17 -2.42 -0.25 -27.20
CA GLN A 17 -3.31 0.41 -28.16
C GLN A 17 -3.10 1.93 -28.11
N ASP A 18 -2.87 2.48 -26.93
CA ASP A 18 -2.71 3.92 -26.82
C ASP A 18 -1.41 4.37 -27.47
N LEU A 19 -0.34 3.60 -27.27
CA LEU A 19 0.92 3.91 -27.94
C LEU A 19 0.75 3.83 -29.46
N LEU A 20 0.09 2.78 -29.96
CA LEU A 20 -0.04 2.62 -31.40
C LEU A 20 -0.88 3.74 -32.01
N LYS A 21 -1.87 4.26 -31.29
CA LYS A 21 -2.65 5.38 -31.83
C LYS A 21 -1.79 6.63 -31.95
N VAL A 22 -0.91 6.87 -30.99
CA VAL A 22 -0.03 8.03 -31.04
C VAL A 22 0.99 7.90 -32.15
N VAL A 23 1.47 6.68 -32.45
CA VAL A 23 2.48 6.55 -33.49
C VAL A 23 1.89 6.33 -34.87
N LYS A 24 0.57 6.17 -34.99
CA LYS A 24 -0.03 5.96 -36.30
C LYS A 24 0.29 7.04 -37.32
N PRO A 25 0.36 8.33 -36.95
CA PRO A 25 0.82 9.33 -37.93
C PRO A 25 2.24 9.05 -38.43
N PHE A 26 3.11 8.51 -37.58
CA PHE A 26 4.48 8.23 -37.99
C PHE A 26 4.53 7.05 -38.95
N THR A 27 3.84 5.95 -38.61
CA THR A 27 3.88 4.77 -39.47
C THR A 27 3.10 4.99 -40.76
N ASP A 28 2.08 5.85 -40.72
CA ASP A 28 1.38 6.21 -41.96
C ASP A 28 2.29 6.99 -42.90
N ALA A 29 3.10 7.89 -42.34
CA ALA A 29 4.02 8.68 -43.15
C ALA A 29 5.28 7.92 -43.53
N ASN A 30 5.62 6.87 -42.80
CA ASN A 30 6.82 6.06 -43.05
C ASN A 30 6.40 4.61 -43.15
N PRO A 31 5.77 4.22 -44.27
CA PRO A 31 5.13 2.90 -44.33
C PRO A 31 6.09 1.73 -44.25
N HIS A 32 7.38 1.94 -44.46
CA HIS A 32 8.33 0.85 -44.32
C HIS A 32 8.74 0.59 -42.88
N ILE A 33 8.19 1.32 -41.91
CA ILE A 33 8.47 1.09 -40.50
C ILE A 33 7.17 0.69 -39.83
N THR A 34 7.20 -0.39 -39.06
CA THR A 34 6.10 -0.74 -38.18
C THR A 34 6.63 -0.74 -36.75
N VAL A 35 5.73 -0.51 -35.79
CA VAL A 35 6.11 -0.43 -34.39
C VAL A 35 5.35 -1.51 -33.62
N GLU A 36 6.09 -2.30 -32.86
CA GLU A 36 5.51 -3.42 -32.12
C GLU A 36 5.83 -3.20 -30.65
N PRO A 37 4.92 -2.64 -29.87
CA PRO A 37 5.18 -2.45 -28.45
C PRO A 37 4.86 -3.68 -27.63
N THR A 38 5.61 -3.85 -26.55
CA THR A 38 5.39 -4.91 -25.58
C THR A 38 5.37 -4.26 -24.21
N VAL A 39 4.41 -4.63 -23.38
CA VAL A 39 4.29 -4.03 -22.06
C VAL A 39 5.15 -4.81 -21.08
N VAL A 40 5.92 -4.09 -20.26
CA VAL A 40 6.73 -4.66 -19.20
C VAL A 40 6.32 -3.99 -17.89
N ASP A 41 5.99 -4.81 -16.88
CA ASP A 41 5.55 -4.27 -15.59
C ASP A 41 6.67 -3.46 -14.93
N TRP A 42 6.28 -2.41 -14.21
CA TRP A 42 7.26 -1.53 -13.57
C TRP A 42 8.17 -2.29 -12.62
N SER A 43 7.63 -3.24 -11.84
CA SER A 43 8.42 -3.82 -10.75
C SER A 43 9.63 -4.59 -11.27
N ALA A 44 9.50 -5.27 -12.40
CA ALA A 44 10.57 -6.08 -12.94
C ALA A 44 11.26 -5.43 -14.12
N ALA A 45 10.87 -4.19 -14.47
CA ALA A 45 11.36 -3.57 -15.70
C ALA A 45 12.87 -3.36 -15.67
N LEU A 46 13.41 -2.80 -14.58
CA LEU A 46 14.84 -2.54 -14.55
C LEU A 46 15.62 -3.85 -14.63
N THR A 47 15.15 -4.88 -13.93
CA THR A 47 15.79 -6.18 -14.01
C THR A 47 15.83 -6.69 -15.44
N LYS A 48 14.70 -6.59 -16.15
CA LYS A 48 14.62 -7.14 -17.50
C LYS A 48 15.47 -6.34 -18.47
N ILE A 49 15.49 -5.00 -18.30
CA ILE A 49 16.27 -4.15 -19.17
C ILE A 49 17.76 -4.37 -18.95
N THR A 50 18.20 -4.47 -17.69
CA THR A 50 19.59 -4.77 -17.39
C THR A 50 19.99 -6.10 -18.02
N ALA A 51 19.12 -7.10 -17.94
CA ALA A 51 19.45 -8.40 -18.51
C ALA A 51 19.55 -8.31 -20.02
N ALA A 52 18.66 -7.53 -20.65
CA ALA A 52 18.69 -7.38 -22.09
C ALA A 52 19.95 -6.64 -22.54
N ALA A 53 20.34 -5.62 -21.80
CA ALA A 53 21.56 -4.88 -22.14
C ALA A 53 22.79 -5.78 -22.03
N THR A 54 22.79 -6.67 -21.04
CA THR A 54 23.93 -7.57 -20.81
C THR A 54 23.99 -8.67 -21.86
N SER A 55 22.84 -9.29 -22.16
CA SER A 55 22.81 -10.45 -23.04
C SER A 55 22.78 -10.10 -24.52
N GLY A 56 22.59 -8.83 -24.88
CA GLY A 56 22.40 -8.48 -26.27
C GLY A 56 21.08 -8.94 -26.86
N GLU A 57 20.19 -9.50 -26.04
CA GLU A 57 18.87 -9.93 -26.47
C GLU A 57 17.87 -8.87 -26.00
N ALA A 58 17.62 -7.89 -26.85
CA ALA A 58 16.87 -6.72 -26.46
C ALA A 58 15.93 -6.32 -27.59
N PRO A 59 14.91 -5.53 -27.27
CA PRO A 59 14.17 -4.86 -28.35
C PRO A 59 15.06 -3.78 -28.95
N ASP A 60 14.56 -3.05 -29.95
CA ASP A 60 15.29 -1.89 -30.46
C ASP A 60 15.29 -0.76 -29.44
N ILE A 61 14.14 -0.54 -28.79
CA ILE A 61 13.89 0.60 -27.93
C ILE A 61 13.23 0.13 -26.63
N THR A 62 13.52 0.81 -25.54
CA THR A 62 12.72 0.62 -24.34
C THR A 62 12.52 1.95 -23.64
N GLN A 63 11.32 2.12 -23.10
CA GLN A 63 11.14 3.08 -22.06
C GLN A 63 12.01 2.73 -20.86
N VAL A 64 12.56 3.75 -20.20
CA VAL A 64 13.17 3.59 -18.90
C VAL A 64 12.62 4.65 -17.95
N GLY A 65 12.47 4.28 -16.68
CA GLY A 65 12.34 5.28 -15.62
C GLY A 65 13.47 6.28 -15.76
N SER A 66 13.18 7.57 -15.60
CA SER A 66 14.20 8.56 -15.92
C SER A 66 15.43 8.36 -15.06
N THR A 67 15.25 7.82 -13.86
CA THR A 67 16.33 7.63 -12.91
C THR A 67 17.21 6.43 -13.23
N TRP A 68 16.84 5.63 -14.23
CA TRP A 68 17.58 4.45 -14.63
C TRP A 68 18.52 4.72 -15.79
N THR A 69 18.38 5.86 -16.45
CA THR A 69 19.14 6.08 -17.68
C THR A 69 20.64 5.92 -17.45
N ALA A 70 21.14 6.53 -16.36
CA ALA A 70 22.58 6.44 -16.11
C ALA A 70 23.00 5.03 -15.76
N ALA A 71 22.17 4.29 -15.04
CA ALA A 71 22.53 2.92 -14.68
C ALA A 71 22.73 2.07 -15.93
N ILE A 72 21.82 2.17 -16.89
CA ILE A 72 21.92 1.38 -18.11
C ILE A 72 22.99 1.96 -19.03
N GLY A 73 23.00 3.28 -19.18
CA GLY A 73 23.96 3.92 -20.05
C GLY A 73 25.39 3.67 -19.64
N ALA A 74 25.64 3.46 -18.35
CA ALA A 74 27.01 3.20 -17.90
C ALA A 74 27.48 1.79 -18.23
N MET A 75 26.56 0.87 -18.56
CA MET A 75 26.96 -0.49 -18.90
C MET A 75 27.64 -0.50 -20.26
N GLU A 76 28.83 -1.10 -20.32
CA GLU A 76 29.64 -1.04 -21.54
C GLU A 76 28.88 -1.60 -22.73
N GLY A 77 28.76 -0.80 -23.78
CA GLY A 77 28.15 -1.24 -25.02
C GLY A 77 26.66 -1.48 -24.93
N ALA A 78 26.00 -1.00 -23.88
CA ALA A 78 24.58 -1.30 -23.72
C ALA A 78 23.70 -0.46 -24.64
N LEU A 79 23.92 0.85 -24.66
CA LEU A 79 22.99 1.76 -25.32
C LEU A 79 23.72 2.55 -26.40
N VAL A 80 22.94 3.02 -27.38
CA VAL A 80 23.42 3.97 -28.37
C VAL A 80 23.59 5.32 -27.69
N GLU A 81 24.78 5.89 -27.75
CA GLU A 81 25.00 7.25 -27.27
C GLU A 81 24.30 8.24 -28.18
N LEU A 82 23.44 9.07 -27.60
CA LEU A 82 22.60 9.98 -28.35
C LEU A 82 23.18 11.40 -28.39
N THR A 83 24.32 11.62 -27.75
CA THR A 83 24.93 12.94 -27.75
C THR A 83 25.01 13.49 -29.17
N GLY A 84 24.50 14.70 -29.35
CA GLY A 84 24.54 15.35 -30.63
C GLY A 84 23.54 14.87 -31.65
N LYS A 85 22.76 13.83 -31.34
CA LYS A 85 21.77 13.34 -32.28
C LYS A 85 20.38 13.90 -32.03
N ILE A 86 20.14 14.49 -30.85
CA ILE A 86 18.86 15.09 -30.49
C ILE A 86 19.06 16.58 -30.31
N ASP A 87 18.11 17.38 -30.82
CA ASP A 87 18.14 18.83 -30.62
C ASP A 87 17.66 19.14 -29.21
N THR A 88 18.61 19.35 -28.29
CA THR A 88 18.24 19.51 -26.89
C THR A 88 17.50 20.81 -26.62
N SER A 89 17.58 21.77 -27.54
CA SER A 89 16.95 23.06 -27.30
C SER A 89 15.44 22.96 -27.29
N ALA A 90 14.90 21.84 -27.75
CA ALA A 90 13.44 21.68 -27.77
C ALA A 90 12.88 21.35 -26.40
N PHE A 91 13.73 20.95 -25.46
CA PHE A 91 13.29 20.34 -24.22
C PHE A 91 13.26 21.37 -23.10
N VAL A 92 12.27 21.21 -22.21
CA VAL A 92 12.28 21.94 -20.94
C VAL A 92 13.59 21.62 -20.25
N GLU A 93 14.37 22.66 -19.92
CA GLU A 93 15.76 22.43 -19.55
C GLU A 93 15.89 21.48 -18.38
N SER A 94 15.01 21.60 -17.38
CA SER A 94 15.14 20.77 -16.20
C SER A 94 14.95 19.29 -16.47
N THR A 95 14.33 18.92 -17.61
CA THR A 95 14.10 17.51 -17.91
C THR A 95 15.31 16.82 -18.55
N LEU A 96 16.32 17.58 -18.94
CA LEU A 96 17.43 16.98 -19.66
C LEU A 96 18.46 16.31 -18.76
N GLN A 97 18.52 16.73 -17.50
CA GLN A 97 19.55 16.22 -16.60
CA GLN A 97 19.54 16.22 -16.57
C GLN A 97 19.55 14.69 -16.56
N SER A 98 18.38 14.08 -16.46
CA SER A 98 18.27 12.63 -16.32
C SER A 98 18.70 11.87 -17.58
N ALA A 99 18.87 12.56 -18.70
CA ALA A 99 19.23 11.91 -19.95
C ALA A 99 20.73 11.70 -20.07
N TYR A 100 21.53 12.36 -19.24
CA TYR A 100 22.98 12.27 -19.24
C TYR A 100 23.49 11.46 -18.07
N ILE A 101 24.71 10.95 -18.19
CA ILE A 101 25.44 10.47 -17.02
C ILE A 101 26.13 11.68 -16.40
N LYS A 102 25.76 12.02 -15.16
CA LYS A 102 26.31 13.19 -14.50
C LYS A 102 27.82 13.14 -14.46
N GLY A 103 28.45 14.30 -14.68
CA GLY A 103 29.89 14.40 -14.76
C GLY A 103 30.46 14.11 -16.12
N THR A 104 29.66 13.60 -17.04
CA THR A 104 30.06 13.37 -18.41
C THR A 104 29.23 14.27 -19.31
N ASP A 105 29.63 14.36 -20.57
CA ASP A 105 28.78 15.02 -21.55
C ASP A 105 28.08 14.00 -22.43
N LYS A 106 27.78 12.82 -21.88
CA LYS A 106 27.28 11.69 -22.64
C LYS A 106 25.80 11.54 -22.39
N MET A 107 25.01 11.64 -23.45
CA MET A 107 23.56 11.52 -23.39
C MET A 107 23.19 10.13 -23.89
N PHE A 108 22.55 9.36 -23.03
CA PHE A 108 22.14 8.02 -23.39
C PHE A 108 20.64 7.82 -23.44
N GLY A 109 19.85 8.82 -23.05
CA GLY A 109 18.42 8.72 -23.14
C GLY A 109 17.84 9.98 -23.72
N MET A 110 16.60 9.87 -24.18
CA MET A 110 15.89 11.06 -24.59
C MET A 110 14.69 11.22 -23.65
N PRO A 111 14.52 12.36 -23.01
CA PRO A 111 13.31 12.55 -22.20
C PRO A 111 12.05 12.30 -23.03
N TRP A 112 11.08 11.64 -22.40
CA TRP A 112 9.82 11.35 -23.09
C TRP A 112 8.64 12.05 -22.43
N PHE A 113 8.49 11.88 -21.13
CA PHE A 113 7.45 12.62 -20.43
C PHE A 113 7.91 12.77 -18.98
N THR A 114 7.29 13.70 -18.28
CA THR A 114 7.71 14.02 -16.92
C THR A 114 6.49 14.18 -16.04
N GLU A 115 6.73 14.43 -14.76
CA GLU A 115 5.65 14.68 -13.81
C GLU A 115 6.25 15.35 -12.58
N THR A 116 5.41 16.08 -11.88
CA THR A 116 5.75 16.66 -10.59
C THR A 116 4.51 16.55 -9.72
N ARG A 117 4.65 16.83 -8.43
CA ARG A 117 3.55 16.75 -7.49
C ARG A 117 3.25 18.15 -7.00
N ALA A 118 1.97 18.54 -7.00
CA ALA A 118 1.56 19.87 -6.59
C ALA A 118 0.58 19.75 -5.44
N LEU A 119 0.29 20.88 -4.81
CA LEU A 119 -0.56 20.90 -3.63
C LEU A 119 -2.00 21.19 -4.04
N PHE A 120 -2.87 20.19 -3.98
CA PHE A 120 -4.29 20.35 -4.24
C PHE A 120 -4.98 20.71 -2.93
N TYR A 121 -6.04 21.51 -3.04
CA TYR A 121 -6.73 21.96 -1.84
C TYR A 121 -8.21 22.14 -2.12
N ARG A 122 -9.01 21.97 -1.07
CA ARG A 122 -10.45 22.16 -1.13
C ARG A 122 -10.79 23.62 -0.90
N LYS A 123 -11.35 24.27 -1.91
CA LYS A 123 -11.69 25.69 -1.79
C LYS A 123 -12.76 25.90 -0.74
N ASP A 124 -13.74 25.01 -0.68
CA ASP A 124 -14.79 25.17 0.32
C ASP A 124 -14.26 24.98 1.74
N ALA A 125 -13.35 24.03 1.96
CA ALA A 125 -12.74 23.85 3.26
C ALA A 125 -11.95 25.10 3.66
N CYS A 126 -11.15 25.64 2.73
CA CYS A 126 -10.39 26.84 3.05
C CYS A 126 -11.28 28.02 3.43
N GLU A 127 -12.37 28.25 2.69
CA GLU A 127 -13.24 29.37 3.02
C GLU A 127 -13.82 29.17 4.41
N LYS A 128 -14.27 27.95 4.71
CA LYS A 128 -14.86 27.67 6.01
C LYS A 128 -13.85 27.85 7.13
N ALA A 129 -12.59 27.47 6.88
CA ALA A 129 -11.54 27.47 7.89
C ALA A 129 -10.84 28.81 8.06
N GLY A 130 -11.06 29.76 7.16
CA GLY A 130 -10.36 31.02 7.23
C GLY A 130 -8.99 30.97 6.60
N VAL A 131 -8.81 30.09 5.63
CA VAL A 131 -7.54 29.93 4.95
C VAL A 131 -7.65 30.62 3.59
N ASN A 132 -6.68 31.48 3.29
CA ASN A 132 -6.60 32.10 1.97
C ASN A 132 -5.58 31.37 1.13
N PRO A 133 -5.99 30.55 0.15
CA PRO A 133 -4.99 29.78 -0.59
C PRO A 133 -4.05 30.64 -1.43
N GLU A 134 -4.38 31.90 -1.69
CA GLU A 134 -3.47 32.75 -2.46
C GLU A 134 -2.24 33.14 -1.67
N THR A 135 -2.26 32.98 -0.34
CA THR A 135 -1.11 33.35 0.47
C THR A 135 -0.68 32.28 1.47
N ASP A 136 -1.61 31.50 2.00
CA ASP A 136 -1.38 30.73 3.21
C ASP A 136 -0.71 29.38 2.96
N PHE A 137 -0.40 29.04 1.71
CA PHE A 137 0.36 27.83 1.40
C PHE A 137 1.76 28.16 0.87
N ALA A 138 2.19 29.43 0.93
CA ALA A 138 3.37 29.85 0.21
C ALA A 138 4.66 29.29 0.80
N THR A 139 4.69 29.06 2.12
CA THR A 139 5.88 28.63 2.82
C THR A 139 5.54 27.48 3.75
N TRP A 140 6.57 26.78 4.21
CA TRP A 140 6.36 25.68 5.14
C TRP A 140 5.54 26.12 6.34
N ASP A 141 5.95 27.22 6.98
CA ASP A 141 5.32 27.62 8.24
C ASP A 141 3.89 28.07 8.00
N LYS A 142 3.63 28.81 6.91
CA LYS A 142 2.27 29.22 6.58
C LYS A 142 1.43 28.00 6.25
N PHE A 143 2.00 27.04 5.52
CA PHE A 143 1.30 25.80 5.19
C PHE A 143 0.90 25.06 6.44
N LYS A 144 1.83 24.90 7.37
CA LYS A 144 1.51 24.18 8.60
C LYS A 144 0.45 24.90 9.41
N ASP A 145 0.53 26.23 9.49
CA ASP A 145 -0.53 27.00 10.13
C ASP A 145 -1.88 26.77 9.47
N ALA A 146 -1.91 26.73 8.14
CA ALA A 146 -3.13 26.44 7.41
C ALA A 146 -3.65 25.05 7.74
N LEU A 147 -2.76 24.05 7.79
CA LEU A 147 -3.19 22.70 8.16
C LEU A 147 -3.86 22.71 9.54
N LYS A 148 -3.31 23.48 10.48
CA LYS A 148 -3.89 23.54 11.81
C LYS A 148 -5.32 24.09 11.76
N LYS A 149 -5.58 25.03 10.86
CA LYS A 149 -6.92 25.59 10.72
C LYS A 149 -7.86 24.66 9.99
N LEU A 150 -7.34 23.76 9.18
CA LEU A 150 -8.15 22.87 8.36
C LEU A 150 -8.42 21.53 9.02
N ASN A 151 -7.64 21.16 10.02
CA ASN A 151 -7.74 19.80 10.53
C ASN A 151 -9.02 19.61 11.31
N GLY A 152 -9.86 18.70 10.83
CA GLY A 152 -11.14 18.49 11.46
C GLY A 152 -12.23 19.46 11.04
N ILE A 153 -11.95 20.33 10.08
CA ILE A 153 -12.97 21.27 9.63
C ILE A 153 -14.12 20.46 9.02
N GLU A 154 -15.34 20.86 9.30
CA GLU A 154 -16.51 20.13 8.82
C GLU A 154 -17.07 20.87 7.61
N VAL A 155 -17.21 20.15 6.50
CA VAL A 155 -17.77 20.70 5.26
C VAL A 155 -18.86 19.75 4.80
N ASP A 156 -20.09 20.24 4.76
CA ASP A 156 -21.26 19.42 4.42
C ASP A 156 -21.33 18.17 5.29
N GLY A 157 -21.15 18.36 6.59
CA GLY A 157 -21.31 17.28 7.55
C GLY A 157 -20.15 16.31 7.65
N LYS A 158 -19.20 16.36 6.74
CA LYS A 158 -18.04 15.47 6.78
C LYS A 158 -16.87 16.21 7.42
N LYS A 159 -16.20 15.55 8.35
CA LYS A 159 -14.97 16.06 8.92
C LYS A 159 -13.81 15.69 8.02
N LEU A 160 -13.02 16.68 7.64
CA LEU A 160 -11.86 16.50 6.78
C LEU A 160 -10.59 16.45 7.59
N ALA A 161 -9.71 15.53 7.23
CA ALA A 161 -8.33 15.61 7.67
C ALA A 161 -7.61 16.72 6.91
N ALA A 162 -6.67 17.37 7.57
CA ALA A 162 -6.01 18.51 6.95
C ALA A 162 -5.20 18.08 5.73
N LEU A 163 -4.47 16.98 5.85
CA LEU A 163 -3.57 16.53 4.78
C LEU A 163 -3.71 15.02 4.68
N GLY A 164 -3.91 14.53 3.46
CA GLY A 164 -3.85 13.11 3.18
C GLY A 164 -2.63 12.73 2.34
N MET A 165 -1.79 11.85 2.86
CA MET A 165 -0.61 11.38 2.12
C MET A 165 -0.32 9.96 2.54
N PRO A 166 0.27 9.17 1.66
CA PRO A 166 0.61 7.79 2.04
C PRO A 166 1.83 7.75 2.93
N GLY A 167 2.05 6.57 3.49
CA GLY A 167 3.20 6.29 4.31
C GLY A 167 4.11 5.29 3.62
N LYS A 168 4.46 4.21 4.30
CA LYS A 168 5.48 3.32 3.75
C LYS A 168 4.94 2.28 2.80
N ASN A 169 3.63 2.02 2.80
CA ASN A 169 3.04 0.97 1.96
C ASN A 169 2.67 1.59 0.62
N ASP A 170 3.70 1.95 -0.13
CA ASP A 170 3.53 2.87 -1.25
C ASP A 170 4.78 2.81 -2.11
N TRP A 171 4.64 3.34 -3.34
CA TRP A 171 5.73 3.35 -4.30
C TRP A 171 6.35 4.72 -4.47
N ASN A 172 5.91 5.72 -3.72
CA ASN A 172 6.42 7.07 -3.76
C ASN A 172 7.05 7.47 -2.42
N VAL A 173 7.59 6.51 -1.68
CA VAL A 173 8.11 6.83 -0.36
C VAL A 173 9.21 7.89 -0.46
N VAL A 174 10.18 7.67 -1.35
CA VAL A 174 11.29 8.61 -1.45
C VAL A 174 10.82 9.90 -2.12
N HIS A 175 9.99 9.76 -3.17
CA HIS A 175 9.61 10.92 -3.96
C HIS A 175 8.82 11.90 -3.12
N ASN A 176 8.02 11.41 -2.18
CA ASN A 176 7.22 12.33 -1.36
C ASN A 176 8.05 13.07 -0.31
N PHE A 177 9.23 12.58 0.05
CA PHE A 177 10.10 13.34 0.92
C PHE A 177 10.99 14.32 0.15
N SER A 178 11.16 14.08 -1.14
CA SER A 178 12.24 14.75 -1.87
C SER A 178 12.20 16.26 -1.72
N TRP A 179 11.05 16.89 -2.00
CA TRP A 179 11.07 18.34 -2.05
C TRP A 179 11.11 18.95 -0.66
N TRP A 180 10.79 18.17 0.38
CA TRP A 180 11.00 18.64 1.75
C TRP A 180 12.49 18.71 2.08
N ILE A 181 13.22 17.67 1.69
CA ILE A 181 14.67 17.67 1.83
C ILE A 181 15.28 18.83 1.06
N TYR A 182 14.85 19.02 -0.20
CA TYR A 182 15.40 20.11 -1.00
C TYR A 182 15.08 21.45 -0.38
N GLY A 183 13.81 21.66 0.04
CA GLY A 183 13.42 22.98 0.51
C GLY A 183 14.11 23.35 1.81
N ALA A 184 14.63 22.37 2.51
CA ALA A 184 15.38 22.62 3.73
C ALA A 184 16.83 22.96 3.44
N GLY A 185 17.28 22.82 2.21
CA GLY A 185 18.66 23.02 1.85
C GLY A 185 19.48 21.75 1.81
N GLY A 186 18.81 20.61 1.79
CA GLY A 186 19.46 19.32 1.76
C GLY A 186 19.34 18.64 0.41
N ASP A 187 19.98 17.49 0.32
CA ASP A 187 19.92 16.68 -0.89
C ASP A 187 20.27 15.26 -0.50
N PHE A 188 19.99 14.32 -1.42
CA PHE A 188 20.32 12.93 -1.16
C PHE A 188 21.81 12.67 -1.34
N VAL A 189 22.43 13.24 -2.36
CA VAL A 189 23.87 13.13 -2.59
C VAL A 189 24.40 14.51 -2.92
N ASN A 190 25.72 14.63 -2.93
CA ASN A 190 26.34 15.93 -3.15
C ASN A 190 26.19 16.32 -4.62
N GLU A 191 26.69 17.52 -4.94
CA GLU A 191 26.58 18.02 -6.30
C GLU A 191 27.36 17.14 -7.26
N GLU A 192 28.57 16.72 -6.86
CA GLU A 192 29.37 15.83 -7.68
C GLU A 192 28.74 14.45 -7.86
N GLY A 193 27.73 14.11 -7.05
CA GLY A 193 27.10 12.80 -7.14
C GLY A 193 27.91 11.66 -6.59
N THR A 194 28.94 11.97 -5.81
CA THR A 194 29.92 10.98 -5.37
C THR A 194 29.87 10.71 -3.88
N GLN A 195 29.09 11.48 -3.13
CA GLN A 195 29.01 11.33 -1.69
C GLN A 195 27.57 11.52 -1.26
N ALA A 196 27.15 10.69 -0.32
CA ALA A 196 25.82 10.85 0.27
C ALA A 196 25.80 12.06 1.20
N THR A 197 24.68 12.77 1.18
CA THR A 197 24.47 13.92 2.05
C THR A 197 23.13 13.83 2.77
N PHE A 198 22.55 12.63 2.84
CA PHE A 198 21.22 12.40 3.38
C PHE A 198 21.13 12.64 4.88
N SER A 199 22.26 12.57 5.58
CA SER A 199 22.33 12.79 7.02
C SER A 199 22.78 14.20 7.39
N SER A 200 22.81 15.10 6.42
CA SER A 200 23.15 16.47 6.75
C SER A 200 22.10 17.07 7.69
N GLU A 201 22.51 18.13 8.39
CA GLU A 201 21.57 18.88 9.20
C GLU A 201 20.35 19.33 8.40
N ASN A 202 20.58 19.81 7.17
CA ASN A 202 19.46 20.32 6.38
C ASN A 202 18.55 19.18 5.92
N ALA A 203 19.12 18.03 5.55
CA ALA A 203 18.26 16.93 5.12
C ALA A 203 17.39 16.48 6.27
N LEU A 204 17.99 16.36 7.46
CA LEU A 204 17.21 16.00 8.63
C LEU A 204 16.14 17.02 8.95
N LYS A 205 16.43 18.32 8.76
CA LYS A 205 15.42 19.35 8.98
C LYS A 205 14.19 19.12 8.11
N GLY A 206 14.39 18.74 6.85
CA GLY A 206 13.27 18.45 5.97
C GLY A 206 12.53 17.17 6.34
N ILE A 207 13.29 16.12 6.61
CA ILE A 207 12.69 14.84 7.00
C ILE A 207 11.85 15.02 8.27
N LYS A 208 12.41 15.75 9.25
CA LYS A 208 11.73 15.99 10.51
C LYS A 208 10.45 16.79 10.29
N PHE A 209 10.53 17.85 9.50
CA PHE A 209 9.35 18.69 9.30
C PHE A 209 8.22 17.87 8.69
N TYR A 210 8.51 17.11 7.65
CA TYR A 210 7.43 16.41 6.96
C TYR A 210 6.92 15.26 7.82
N SER A 211 7.83 14.45 8.36
CA SER A 211 7.36 13.25 9.06
C SER A 211 6.62 13.62 10.33
N GLU A 212 7.00 14.71 11.00
CA GLU A 212 6.33 15.04 12.24
C GLU A 212 4.95 15.65 12.04
N LEU A 213 4.55 15.98 10.80
CA LEU A 213 3.15 16.32 10.55
C LEU A 213 2.26 15.18 11.03
N ALA A 214 2.74 13.94 10.96
CA ALA A 214 1.99 12.81 11.48
C ALA A 214 1.92 12.81 13.00
N VAL A 215 3.05 13.04 13.67
CA VAL A 215 3.08 13.10 15.13
C VAL A 215 2.13 14.18 15.64
N GLU A 216 2.04 15.28 14.91
CA GLU A 216 1.22 16.42 15.34
C GLU A 216 -0.25 16.24 14.99
N GLY A 217 -0.62 15.14 14.34
CA GLY A 217 -2.00 14.84 14.10
C GLY A 217 -2.57 15.50 12.86
N LEU A 218 -1.72 16.07 12.02
CA LEU A 218 -2.21 16.86 10.90
C LEU A 218 -2.42 16.03 9.63
N MET A 219 -1.97 14.78 9.63
CA MET A 219 -2.20 13.86 8.53
C MET A 219 -3.30 12.87 8.90
N ASP A 220 -4.03 12.44 7.88
CA ASP A 220 -5.06 11.42 8.06
C ASP A 220 -4.38 10.12 8.47
N GLU A 221 -4.69 9.63 9.70
CA GLU A 221 -3.97 8.48 10.23
C GLU A 221 -4.25 7.21 9.45
N PRO A 222 -5.50 6.87 9.14
CA PRO A 222 -5.73 5.65 8.34
C PRO A 222 -5.01 5.68 7.01
N SER A 223 -4.91 6.84 6.38
CA SER A 223 -4.28 6.92 5.06
C SER A 223 -2.80 6.63 5.10
N LEU A 224 -2.15 6.74 6.26
CA LEU A 224 -0.72 6.45 6.31
C LEU A 224 -0.41 4.97 6.11
N GLU A 225 -1.44 4.11 6.17
CA GLU A 225 -1.28 2.70 5.83
C GLU A 225 -1.53 2.42 4.35
N LYS A 226 -2.04 3.41 3.63
CA LYS A 226 -2.51 3.25 2.27
C LYS A 226 -1.47 3.78 1.28
N ASN A 227 -1.79 3.68 0.00
CA ASN A 227 -0.85 4.03 -1.05
C ASN A 227 -1.34 5.24 -1.84
N THR A 228 -0.51 5.66 -2.79
CA THR A 228 -0.79 6.88 -3.54
C THR A 228 -2.15 6.82 -4.20
N SER A 229 -2.47 5.69 -4.86
CA SER A 229 -3.74 5.61 -5.58
C SER A 229 -4.92 5.75 -4.62
N ASP A 230 -4.76 5.24 -3.40
CA ASP A 230 -5.80 5.37 -2.39
C ASP A 230 -5.99 6.80 -1.95
N ILE A 231 -4.90 7.54 -1.76
CA ILE A 231 -5.02 8.95 -1.37
C ILE A 231 -5.69 9.74 -2.49
N GLU A 232 -5.33 9.46 -3.74
CA GLU A 232 -5.96 10.16 -4.87
C GLU A 232 -7.46 9.90 -4.89
N SER A 233 -7.86 8.64 -4.76
CA SER A 233 -9.28 8.30 -4.75
CA SER A 233 -9.28 8.31 -4.75
C SER A 233 -9.99 8.94 -3.58
N ALA A 234 -9.39 8.89 -2.38
CA ALA A 234 -10.04 9.45 -1.19
C ALA A 234 -10.19 10.97 -1.31
N PHE A 235 -9.16 11.66 -1.78
CA PHE A 235 -9.31 13.10 -1.99
C PHE A 235 -10.45 13.36 -2.97
N GLY A 236 -10.57 12.51 -3.99
CA GLY A 236 -11.60 12.68 -4.98
C GLY A 236 -12.99 12.41 -4.48
N ASP A 237 -13.11 11.76 -3.32
CA ASP A 237 -14.37 11.57 -2.61
C ASP A 237 -14.50 12.49 -1.41
N GLY A 238 -13.61 13.48 -1.30
CA GLY A 238 -13.75 14.53 -0.33
C GLY A 238 -13.18 14.28 1.05
N ALA A 239 -12.20 13.38 1.20
CA ALA A 239 -11.76 13.00 2.53
C ALA A 239 -10.78 13.97 3.18
N TYR A 240 -10.09 14.81 2.40
CA TYR A 240 -9.02 15.63 2.93
C TYR A 240 -9.11 17.06 2.41
N ALA A 241 -8.62 18.00 3.22
CA ALA A 241 -8.59 19.38 2.75
C ALA A 241 -7.48 19.58 1.72
N THR A 242 -6.41 18.81 1.81
CA THR A 242 -5.24 18.99 0.96
C THR A 242 -4.56 17.64 0.71
N ALA A 243 -3.81 17.57 -0.37
CA ALA A 243 -3.00 16.42 -0.72
C ALA A 243 -2.03 16.85 -1.79
N PHE A 244 -0.83 16.26 -1.78
CA PHE A 244 0.17 16.49 -2.83
C PHE A 244 0.04 15.36 -3.85
N MET A 245 -0.28 15.71 -5.10
CA MET A 245 -0.56 14.69 -6.09
C MET A 245 -0.07 15.11 -7.45
N GLY A 246 0.03 14.14 -8.33
CA GLY A 246 0.39 14.41 -9.70
C GLY A 246 -0.78 14.90 -10.53
N PRO A 247 -0.46 15.31 -11.77
CA PRO A 247 -1.48 15.98 -12.60
C PRO A 247 -2.58 15.05 -13.10
N TRP A 248 -2.35 13.73 -13.08
CA TRP A 248 -3.31 12.78 -13.62
C TRP A 248 -4.62 12.74 -12.83
N VAL A 249 -4.61 13.21 -11.59
CA VAL A 249 -5.84 13.18 -10.81
C VAL A 249 -6.89 14.11 -11.41
N ILE A 250 -6.48 15.16 -12.11
CA ILE A 250 -7.46 16.11 -12.66
C ILE A 250 -8.39 15.38 -13.63
N SER A 251 -7.82 14.56 -14.50
CA SER A 251 -8.63 13.76 -15.42
C SER A 251 -9.53 12.79 -14.66
N SER A 252 -9.01 12.11 -13.65
CA SER A 252 -9.83 11.17 -12.88
C SER A 252 -11.02 11.88 -12.26
N TYR A 253 -10.79 13.04 -11.65
CA TYR A 253 -11.89 13.72 -10.97
C TYR A 253 -12.87 14.29 -11.98
N THR A 254 -12.35 14.76 -13.13
CA THR A 254 -13.22 15.22 -14.20
C THR A 254 -14.10 14.08 -14.70
N LYS A 255 -13.54 12.88 -14.84
CA LYS A 255 -14.34 11.74 -15.26
C LYS A 255 -15.38 11.36 -14.20
N ASN A 256 -15.00 11.42 -12.92
CA ASN A 256 -15.95 11.13 -11.85
C ASN A 256 -17.18 12.02 -11.95
N LYS A 257 -16.98 13.29 -12.31
CA LYS A 257 -18.13 14.19 -12.44
C LYS A 257 -18.98 13.82 -13.65
N GLU A 258 -18.34 13.52 -14.78
CA GLU A 258 -19.08 13.19 -15.99
C GLU A 258 -19.91 11.92 -15.80
N GLU A 259 -19.36 10.94 -15.08
CA GLU A 259 -20.00 9.63 -15.00
C GLU A 259 -20.94 9.48 -13.81
N ASN A 260 -20.60 10.06 -12.66
CA ASN A 260 -21.36 9.83 -11.44
C ASN A 260 -21.91 11.09 -10.80
N GLY A 261 -21.70 12.21 -11.43
CA GLY A 261 -22.11 13.46 -10.85
C GLY A 261 -21.26 13.92 -9.63
N ASN A 262 -20.04 13.41 -9.47
CA ASN A 262 -19.22 13.68 -8.26
C ASN A 262 -18.65 15.08 -8.50
N ASP A 263 -19.16 16.14 -7.87
CA ASP A 263 -18.65 17.52 -8.10
C ASP A 263 -17.33 17.92 -7.35
N LEU A 264 -16.59 16.98 -6.75
CA LEU A 264 -15.28 17.28 -6.13
C LEU A 264 -14.40 18.16 -7.08
N ILE A 265 -14.30 17.78 -8.38
CA ILE A 265 -13.51 18.59 -9.36
C ILE A 265 -13.85 20.13 -9.33
N ASP A 266 -15.08 20.51 -9.00
CA ASP A 266 -15.48 21.94 -8.97
C ASP A 266 -15.16 22.69 -7.66
N LYS A 267 -14.63 22.00 -6.66
CA LYS A 267 -14.34 22.53 -5.30
C LYS A 267 -12.83 22.58 -4.98
N ILE A 268 -12.00 22.31 -6.00
CA ILE A 268 -10.57 22.22 -5.71
C ILE A 268 -9.78 23.24 -6.52
N GLY A 269 -8.64 23.61 -5.95
CA GLY A 269 -7.59 24.32 -6.67
C GLY A 269 -6.27 23.60 -6.49
N VAL A 270 -5.24 24.18 -7.08
CA VAL A 270 -3.92 23.60 -6.93
C VAL A 270 -2.92 24.74 -6.91
N THR A 271 -1.87 24.56 -6.13
CA THR A 271 -0.83 25.58 -6.05
C THR A 271 0.50 24.84 -5.98
N MET A 272 1.59 25.59 -6.09
CA MET A 272 2.90 24.97 -6.05
C MET A 272 3.25 24.53 -4.64
N VAL A 273 4.17 23.57 -4.56
CA VAL A 273 4.61 23.10 -3.24
C VAL A 273 5.09 24.26 -2.41
N PRO A 274 4.87 24.27 -1.09
CA PRO A 274 5.34 25.37 -0.24
C PRO A 274 6.85 25.52 -0.28
N GLU A 275 7.30 26.77 -0.31
CA GLU A 275 8.73 27.09 -0.30
C GLU A 275 9.32 26.83 1.07
N GLY A 276 10.46 26.14 1.11
CA GLY A 276 11.14 25.95 2.36
C GLY A 276 12.18 27.02 2.63
N PRO A 277 12.90 26.90 3.75
CA PRO A 277 13.90 27.91 4.10
C PRO A 277 14.95 28.15 3.02
N ALA A 278 15.31 27.13 2.26
CA ALA A 278 16.32 27.26 1.21
C ALA A 278 15.72 27.60 -0.15
N GLY A 279 14.41 27.66 -0.26
CA GLY A 279 13.78 27.98 -1.52
C GLY A 279 12.77 26.94 -1.92
N ARG A 280 12.25 27.10 -3.14
CA ARG A 280 11.24 26.21 -3.67
C ARG A 280 11.88 25.24 -4.65
N TYR A 281 11.75 23.96 -4.38
CA TYR A 281 12.14 22.89 -5.26
C TYR A 281 10.94 21.96 -5.37
N ALA A 282 10.89 21.23 -6.47
CA ALA A 282 9.83 20.26 -6.66
C ALA A 282 10.41 18.97 -7.20
N PHE A 283 9.70 17.88 -6.95
CA PHE A 283 10.07 16.60 -7.53
C PHE A 283 9.85 16.60 -9.04
N MET A 284 10.73 15.85 -9.72
CA MET A 284 10.59 15.55 -11.14
C MET A 284 10.78 14.06 -11.33
N GLY A 285 9.83 13.44 -12.00
CA GLY A 285 9.89 12.04 -12.34
C GLY A 285 9.71 11.87 -13.84
N GLY A 286 9.15 10.73 -14.20
CA GLY A 286 8.85 10.47 -15.58
C GLY A 286 9.77 9.42 -16.19
N SER A 287 9.77 9.39 -17.52
CA SER A 287 10.41 8.34 -18.26
C SER A 287 11.15 8.92 -19.46
N ASN A 288 12.21 8.21 -19.84
CA ASN A 288 13.02 8.51 -21.01
C ASN A 288 12.89 7.34 -21.98
N LEU A 289 13.42 7.53 -23.18
CA LEU A 289 13.52 6.46 -24.16
C LEU A 289 14.99 6.24 -24.47
N VAL A 290 15.36 4.97 -24.65
CA VAL A 290 16.71 4.63 -25.06
C VAL A 290 16.68 3.63 -26.21
N ILE A 291 17.81 3.55 -26.92
CA ILE A 291 18.02 2.65 -28.05
C ILE A 291 19.14 1.70 -27.68
N PHE A 292 18.88 0.40 -27.77
CA PHE A 292 19.90 -0.59 -27.45
C PHE A 292 20.96 -0.63 -28.54
N ASN A 293 22.21 -0.72 -28.11
CA ASN A 293 23.32 -0.81 -29.06
C ASN A 293 23.22 -2.07 -29.91
N SER A 294 22.53 -3.09 -29.43
CA SER A 294 22.36 -4.32 -30.20
C SER A 294 21.31 -4.19 -31.30
N SER A 295 20.71 -3.02 -31.48
CA SER A 295 19.66 -2.86 -32.47
C SER A 295 20.22 -2.95 -33.87
N LYS A 296 19.52 -3.68 -34.74
CA LYS A 296 19.92 -3.79 -36.14
C LYS A 296 19.40 -2.64 -37.00
N ASN A 297 18.54 -1.77 -36.44
CA ASN A 297 17.96 -0.68 -37.22
C ASN A 297 17.99 0.60 -36.38
N LYS A 298 19.21 1.09 -36.13
CA LYS A 298 19.37 2.27 -35.28
C LYS A 298 18.86 3.53 -35.97
N ASP A 299 19.02 3.62 -37.31
CA ASP A 299 18.55 4.81 -38.02
C ASP A 299 17.05 4.98 -37.85
N GLU A 300 16.29 3.89 -38.03
CA GLU A 300 14.85 3.95 -37.85
C GLU A 300 14.48 4.17 -36.39
N ALA A 301 15.19 3.51 -35.47
CA ALA A 301 14.97 3.73 -34.05
C ALA A 301 15.11 5.21 -33.70
N LEU A 302 16.15 5.86 -34.22
CA LEU A 302 16.33 7.28 -33.93
C LEU A 302 15.17 8.11 -34.51
N GLU A 303 14.74 7.81 -35.73
CA GLU A 303 13.61 8.55 -36.31
C GLU A 303 12.37 8.42 -35.44
N LEU A 304 12.13 7.24 -34.87
CA LEU A 304 10.99 7.09 -33.96
C LEU A 304 11.17 7.94 -32.72
N LEU A 305 12.36 7.91 -32.11
CA LEU A 305 12.58 8.76 -30.94
C LEU A 305 12.27 10.21 -31.24
N LYS A 306 12.80 10.72 -32.35
CA LYS A 306 12.55 12.11 -32.71
C LYS A 306 11.07 12.35 -32.93
N PHE A 307 10.35 11.36 -33.44
CA PHE A 307 8.91 11.53 -33.57
C PHE A 307 8.26 11.68 -32.20
N PHE A 308 8.67 10.87 -31.24
CA PHE A 308 8.08 10.96 -29.90
C PHE A 308 8.38 12.31 -29.24
N ALA A 309 9.43 13.01 -29.68
CA ALA A 309 9.74 14.34 -29.18
C ALA A 309 9.11 15.45 -30.02
N SER A 310 8.43 15.11 -31.13
CA SER A 310 7.71 16.12 -31.89
C SER A 310 6.56 16.71 -31.05
N LYS A 311 6.21 17.96 -31.35
CA LYS A 311 5.14 18.61 -30.60
C LYS A 311 3.86 17.78 -30.58
N GLU A 312 3.43 17.28 -31.75
CA GLU A 312 2.13 16.61 -31.80
C GLU A 312 2.14 15.33 -30.99
N ALA A 313 3.23 14.57 -31.06
CA ALA A 313 3.31 13.31 -30.32
C ALA A 313 3.42 13.59 -28.82
N GLN A 314 4.16 14.64 -28.46
CA GLN A 314 4.26 15.03 -27.06
C GLN A 314 2.91 15.43 -26.50
N VAL A 315 2.17 16.24 -27.24
CA VAL A 315 0.84 16.61 -26.79
C VAL A 315 -0.02 15.38 -26.65
N GLU A 316 -0.04 14.52 -27.68
CA GLU A 316 -1.02 13.45 -27.69
C GLU A 316 -0.67 12.37 -26.68
N TYR A 317 0.62 12.05 -26.53
CA TYR A 317 0.98 11.01 -25.57
C TYR A 317 0.82 11.52 -24.15
N SER A 318 1.18 12.78 -23.90
CA SER A 318 0.98 13.31 -22.55
C SER A 318 -0.49 13.29 -22.18
N LYS A 319 -1.38 13.63 -23.13
CA LYS A 319 -2.80 13.56 -22.83
C LYS A 319 -3.21 12.14 -22.46
N VAL A 320 -2.85 11.15 -23.28
CA VAL A 320 -3.38 9.80 -23.05
C VAL A 320 -2.76 9.19 -21.81
N SER A 321 -1.49 9.48 -21.53
CA SER A 321 -0.84 8.98 -20.33
C SER A 321 -1.11 9.84 -19.09
N LYS A 322 -1.66 11.04 -19.28
CA LYS A 322 -1.92 11.96 -18.17
C LYS A 322 -0.64 12.45 -17.52
N MET A 323 0.46 12.44 -18.27
CA MET A 323 1.74 12.93 -17.80
C MET A 323 1.98 14.32 -18.39
N LEU A 324 3.17 14.85 -18.16
CA LEU A 324 3.51 16.16 -18.68
C LEU A 324 4.53 16.05 -19.80
N PRO A 325 4.41 16.86 -20.84
CA PRO A 325 5.40 16.86 -21.91
C PRO A 325 6.77 17.35 -21.43
N VAL A 326 7.80 16.91 -22.16
CA VAL A 326 9.13 17.42 -21.88
C VAL A 326 9.60 18.44 -22.92
N VAL A 327 8.86 18.64 -24.01
CA VAL A 327 9.25 19.60 -25.04
C VAL A 327 8.49 20.92 -24.86
N LYS A 328 9.21 22.02 -24.95
CA LYS A 328 8.60 23.32 -24.69
C LYS A 328 7.41 23.58 -25.58
N ALA A 329 7.51 23.25 -26.86
CA ALA A 329 6.44 23.62 -27.79
C ALA A 329 5.12 22.96 -27.45
N ALA A 330 5.15 21.82 -26.76
CA ALA A 330 3.90 21.15 -26.40
C ALA A 330 3.08 22.00 -25.43
N TYR A 331 3.71 22.82 -24.59
CA TYR A 331 2.93 23.64 -23.67
C TYR A 331 2.24 24.81 -24.38
N GLU A 332 2.38 24.94 -25.69
CA GLU A 332 1.55 25.89 -26.43
C GLU A 332 0.12 25.39 -26.58
N ASP A 333 -0.11 24.11 -26.35
CA ASP A 333 -1.46 23.57 -26.46
C ASP A 333 -2.30 24.03 -25.27
N PRO A 334 -3.52 24.53 -25.51
CA PRO A 334 -4.35 24.99 -24.38
C PRO A 334 -4.53 23.97 -23.26
N TYR A 335 -4.46 22.67 -23.57
CA TYR A 335 -4.64 21.64 -22.56
C TYR A 335 -3.69 21.83 -21.39
N PHE A 336 -2.46 22.22 -21.68
CA PHE A 336 -1.43 22.36 -20.64
C PHE A 336 -1.40 23.75 -20.05
N GLU A 337 -2.35 24.60 -20.41
CA GLU A 337 -2.42 25.96 -19.90
C GLU A 337 -3.68 26.28 -19.13
N ASP A 338 -4.57 25.31 -18.90
CA ASP A 338 -5.75 25.61 -18.09
C ASP A 338 -5.32 25.90 -16.66
N SER A 339 -6.29 26.32 -15.84
CA SER A 339 -5.95 26.91 -14.54
C SER A 339 -5.19 25.93 -13.66
N LEU A 340 -5.56 24.65 -13.66
CA LEU A 340 -4.87 23.68 -12.81
C LEU A 340 -3.58 23.21 -13.46
N MET A 341 -3.66 22.82 -14.73
CA MET A 341 -2.48 22.27 -15.38
C MET A 341 -1.33 23.26 -15.43
N LYS A 342 -1.63 24.57 -15.50
CA LYS A 342 -0.55 25.54 -15.68
C LYS A 342 0.36 25.60 -14.45
N VAL A 343 -0.17 25.27 -13.28
CA VAL A 343 0.66 25.18 -12.08
C VAL A 343 1.71 24.10 -12.26
N PHE A 344 1.32 22.95 -12.82
CA PHE A 344 2.29 21.89 -13.05
C PHE A 344 3.32 22.30 -14.09
N LYS A 345 2.89 22.97 -15.15
CA LYS A 345 3.83 23.43 -16.16
C LYS A 345 4.91 24.30 -15.53
N GLU A 346 4.48 25.28 -14.75
CA GLU A 346 5.40 26.23 -14.15
C GLU A 346 6.32 25.57 -13.14
N GLN A 347 5.78 24.63 -12.36
CA GLN A 347 6.61 24.02 -11.34
C GLN A 347 7.72 23.18 -11.95
N VAL A 348 7.40 22.35 -12.94
CA VAL A 348 8.42 21.46 -13.50
C VAL A 348 9.51 22.27 -14.15
N ASP A 349 9.12 23.28 -14.92
CA ASP A 349 10.07 24.17 -15.58
C ASP A 349 10.93 24.91 -14.58
N LYS A 350 10.30 25.72 -13.73
CA LYS A 350 11.08 26.67 -12.95
C LYS A 350 11.70 26.05 -11.71
N TYR A 351 11.10 25.01 -11.13
CA TYR A 351 11.51 24.53 -9.83
C TYR A 351 11.80 23.04 -9.77
N GLY A 352 11.62 22.31 -10.88
CA GLY A 352 11.80 20.89 -10.85
C GLY A 352 13.27 20.56 -10.61
N LYS A 353 13.49 19.57 -9.75
CA LYS A 353 14.82 19.07 -9.41
C LYS A 353 14.76 17.56 -9.53
N HIS A 354 15.60 17.01 -10.40
CA HIS A 354 15.68 15.57 -10.59
C HIS A 354 16.84 14.99 -9.76
N TYR A 355 16.66 13.74 -9.34
CA TYR A 355 17.73 13.04 -8.63
C TYR A 355 19.00 13.04 -9.49
N ALA A 356 20.16 12.98 -8.82
CA ALA A 356 21.43 12.89 -9.53
C ALA A 356 21.42 11.71 -10.49
N SER A 357 21.88 11.97 -11.71
CA SER A 357 21.81 10.97 -12.78
C SER A 357 23.11 10.17 -12.82
N VAL A 358 23.31 9.39 -11.76
CA VAL A 358 24.51 8.58 -11.59
C VAL A 358 24.15 7.10 -11.68
N PRO A 359 25.09 6.25 -12.10
CA PRO A 359 24.73 4.84 -12.33
C PRO A 359 24.25 4.14 -11.07
N GLY A 360 24.70 4.56 -9.91
CA GLY A 360 24.23 3.94 -8.68
C GLY A 360 22.90 4.44 -8.14
N TRP A 361 22.24 5.37 -8.82
CA TRP A 361 21.06 5.97 -8.23
C TRP A 361 19.98 4.93 -7.96
N ALA A 362 19.69 4.08 -8.95
CA ALA A 362 18.60 3.12 -8.78
C ALA A 362 18.82 2.27 -7.52
N SER A 363 20.06 1.78 -7.32
CA SER A 363 20.38 1.04 -6.10
C SER A 363 20.23 1.89 -4.85
N ALA A 364 20.67 3.15 -4.90
CA ALA A 364 20.55 4.03 -3.76
C ALA A 364 19.09 4.30 -3.40
N GLU A 365 18.23 4.44 -4.40
CA GLU A 365 16.83 4.77 -4.13
C GLU A 365 16.17 3.69 -3.30
N VAL A 366 16.52 2.42 -3.54
CA VAL A 366 15.95 1.33 -2.74
C VAL A 366 16.34 1.48 -1.28
N ILE A 367 17.60 1.87 -1.03
CA ILE A 367 18.08 2.09 0.33
C ILE A 367 17.40 3.30 0.97
N PHE A 368 17.28 4.41 0.23
CA PHE A 368 16.56 5.56 0.76
C PHE A 368 15.13 5.18 1.12
N SER A 369 14.51 4.36 0.28
CA SER A 369 13.12 3.96 0.51
C SER A 369 13.00 3.13 1.77
N GLU A 370 13.93 2.20 1.98
CA GLU A 370 13.93 1.40 3.21
C GLU A 370 14.08 2.28 4.44
N GLY A 371 15.00 3.25 4.39
CA GLY A 371 15.20 4.13 5.53
C GLY A 371 13.99 5.02 5.79
N LEU A 372 13.46 5.64 4.74
CA LEU A 372 12.30 6.49 4.99
C LEU A 372 11.11 5.65 5.44
N SER A 373 11.04 4.37 5.04
CA SER A 373 9.96 3.52 5.52
C SER A 373 10.07 3.30 7.02
N LYS A 374 11.29 3.12 7.51
CA LYS A 374 11.49 3.01 8.94
C LYS A 374 11.16 4.30 9.66
N ILE A 375 11.40 5.44 9.03
CA ILE A 375 11.03 6.70 9.65
C ILE A 375 9.52 6.83 9.78
N TRP A 376 8.78 6.40 8.76
CA TRP A 376 7.33 6.37 8.92
C TRP A 376 6.93 5.48 10.11
N ASP A 377 7.50 4.28 10.21
CA ASP A 377 7.18 3.43 11.35
C ASP A 377 7.45 4.14 12.67
N ASN A 378 8.55 4.89 12.72
CA ASN A 378 8.94 5.62 13.91
C ASN A 378 7.92 6.68 14.28
N VAL A 379 7.59 7.58 13.34
CA VAL A 379 6.67 8.67 13.68
C VAL A 379 5.27 8.13 13.96
N MET A 380 4.88 7.04 13.31
CA MET A 380 3.56 6.46 13.55
C MET A 380 3.49 5.59 14.80
N GLU A 381 4.62 5.38 15.50
CA GLU A 381 4.66 4.66 16.78
C GLU A 381 4.14 3.23 16.65
N VAL A 382 4.49 2.57 15.54
CA VAL A 382 4.04 1.20 15.33
C VAL A 382 4.80 0.26 16.26
N ASP A 383 6.01 0.64 16.66
CA ASP A 383 6.84 -0.20 17.56
C ASP A 383 7.48 0.73 18.60
N GLY A 384 6.68 1.15 19.56
CA GLY A 384 7.15 2.02 20.60
C GLY A 384 6.98 3.50 20.30
N ALA A 385 7.31 4.30 21.29
CA ALA A 385 7.16 5.73 21.20
C ALA A 385 8.02 6.30 20.08
N TYR A 386 7.52 7.37 19.47
CA TYR A 386 8.29 8.12 18.50
C TYR A 386 9.52 8.71 19.16
N SER A 387 10.68 8.54 18.52
CA SER A 387 11.94 9.10 18.99
C SER A 387 12.62 9.77 17.81
N TYR A 388 12.84 11.08 17.90
CA TYR A 388 13.59 11.74 16.84
C TYR A 388 15.01 11.21 16.75
N ASP A 389 15.60 10.84 17.89
CA ASP A 389 16.94 10.27 17.86
C ASP A 389 16.98 9.01 17.00
N LYS A 390 15.89 8.23 16.99
CA LYS A 390 15.82 7.05 16.12
C LYS A 390 15.82 7.44 14.64
N THR A 391 15.11 8.52 14.28
CA THR A 391 15.21 9.02 12.92
C THR A 391 16.65 9.40 12.56
N VAL A 392 17.33 10.08 13.46
CA VAL A 392 18.72 10.45 13.21
C VAL A 392 19.58 9.21 12.97
N GLN A 393 19.41 8.19 13.79
CA GLN A 393 20.19 6.96 13.64
C GLN A 393 19.88 6.27 12.32
N ILE A 394 18.59 6.21 11.95
CA ILE A 394 18.20 5.59 10.68
C ILE A 394 18.90 6.30 9.53
N VAL A 395 18.91 7.64 9.55
CA VAL A 395 19.47 8.39 8.45
C VAL A 395 20.99 8.21 8.38
N LYS A 396 21.65 8.19 9.54
CA LYS A 396 23.09 7.91 9.53
C LYS A 396 23.39 6.53 8.97
N ASP A 397 22.57 5.52 9.33
CA ASP A 397 22.82 4.17 8.82
C ASP A 397 22.62 4.11 7.30
N VAL A 398 21.63 4.84 6.81
CA VAL A 398 21.43 4.94 5.35
C VAL A 398 22.66 5.57 4.70
N GLU A 399 23.13 6.69 5.25
CA GLU A 399 24.28 7.39 4.67
C GLU A 399 25.46 6.46 4.43
N SER A 400 25.74 5.58 5.38
CA SER A 400 26.87 4.68 5.22
C SER A 400 26.67 3.73 4.03
N GLN A 401 25.46 3.18 3.90
CA GLN A 401 25.18 2.26 2.81
C GLN A 401 25.21 2.96 1.45
N ILE A 402 24.68 4.17 1.36
CA ILE A 402 24.73 4.91 0.11
C ILE A 402 26.18 5.12 -0.33
N ASN A 403 27.05 5.49 0.62
CA ASN A 403 28.43 5.74 0.24
C ASN A 403 29.10 4.49 -0.31
N GLN A 404 28.71 3.31 0.18
CA GLN A 404 29.29 2.08 -0.35
C GLN A 404 28.80 1.82 -1.76
N ILE A 405 27.54 2.16 -2.05
CA ILE A 405 27.01 2.01 -3.39
C ILE A 405 27.73 2.94 -4.35
N LEU A 406 27.90 4.20 -3.95
CA LEU A 406 28.57 5.15 -4.82
C LEU A 406 30.02 4.76 -5.09
N GLN A 407 30.69 4.16 -4.09
CA GLN A 407 32.06 3.71 -4.28
C GLN A 407 32.15 2.56 -5.27
N GLU A 408 31.12 1.71 -5.34
CA GLU A 408 31.13 0.60 -6.27
C GLU A 408 30.85 1.03 -7.70
N THR A 409 30.08 2.09 -7.89
CA THR A 409 29.53 2.46 -9.19
C THR A 409 30.19 3.71 -9.74
N SER A 410 31.39 4.03 -9.27
CA SER A 410 32.10 5.23 -9.69
C SER A 410 32.94 4.92 -10.92
N SER B 1 -22.97 7.30 40.37
CA SER B 1 -22.98 6.62 39.08
C SER B 1 -21.55 6.36 38.62
N VAL B 2 -21.41 5.49 37.64
CA VAL B 2 -20.11 5.05 37.16
C VAL B 2 -20.04 5.34 35.66
N LYS B 3 -19.02 6.06 35.25
CA LYS B 3 -18.74 6.29 33.84
C LYS B 3 -17.62 5.34 33.44
N LEU B 4 -17.97 4.29 32.70
CA LEU B 4 -16.97 3.37 32.20
C LEU B 4 -16.38 3.96 30.93
N THR B 5 -15.05 4.06 30.89
CA THR B 5 -14.34 4.52 29.72
C THR B 5 -13.73 3.32 29.00
N MET B 6 -13.78 3.35 27.68
CA MET B 6 -13.21 2.23 26.93
C MET B 6 -12.65 2.78 25.62
N TRP B 7 -11.49 2.24 25.26
CA TRP B 7 -10.87 2.55 23.98
C TRP B 7 -11.30 1.49 22.98
N ILE B 8 -11.62 1.95 21.79
CA ILE B 8 -11.94 1.06 20.69
C ILE B 8 -11.15 1.52 19.48
N MET B 9 -10.81 0.59 18.64
CA MET B 9 -10.26 0.90 17.33
C MET B 9 -11.39 1.15 16.36
N PRO B 10 -11.09 1.69 15.16
CA PRO B 10 -12.15 2.05 14.21
C PRO B 10 -12.80 0.84 13.55
N ASN B 11 -13.69 0.15 14.26
CA ASN B 11 -14.18 -1.12 13.75
C ASN B 11 -15.36 -0.97 12.80
N SER B 12 -16.04 0.17 12.81
CA SER B 12 -17.28 0.39 12.07
C SER B 12 -17.26 1.79 11.48
N ASP B 13 -18.29 2.11 10.69
CA ASP B 13 -18.28 3.37 9.96
C ASP B 13 -18.39 4.59 10.87
N THR B 14 -19.12 4.48 11.97
CA THR B 14 -19.21 5.56 12.97
C THR B 14 -18.90 4.94 14.33
N PRO B 15 -17.62 4.76 14.67
CA PRO B 15 -17.28 3.82 15.75
C PRO B 15 -17.92 4.12 17.10
N ASP B 16 -17.82 5.35 17.59
CA ASP B 16 -18.34 5.67 18.93
C ASP B 16 -19.86 5.49 19.00
N GLN B 17 -20.60 6.07 18.05
CA GLN B 17 -22.05 5.97 18.09
C GLN B 17 -22.51 4.54 17.87
N ASP B 18 -21.83 3.79 17.01
CA ASP B 18 -22.19 2.39 16.78
C ASP B 18 -22.02 1.58 18.06
N LEU B 19 -20.93 1.83 18.79
CA LEU B 19 -20.73 1.16 20.07
C LEU B 19 -21.82 1.57 21.06
N LEU B 20 -22.10 2.87 21.13
CA LEU B 20 -23.11 3.36 22.06
C LEU B 20 -24.46 2.73 21.78
N LYS B 21 -24.79 2.50 20.51
CA LYS B 21 -26.08 1.89 20.21
C LYS B 21 -26.13 0.45 20.69
N VAL B 22 -25.00 -0.27 20.59
CA VAL B 22 -24.95 -1.67 20.98
C VAL B 22 -24.99 -1.81 22.50
N VAL B 23 -24.47 -0.84 23.24
CA VAL B 23 -24.49 -0.95 24.70
C VAL B 23 -25.74 -0.35 25.32
N LYS B 24 -26.71 0.09 24.52
CA LYS B 24 -27.92 0.69 25.10
C LYS B 24 -28.70 -0.29 25.98
N PRO B 25 -28.91 -1.55 25.59
CA PRO B 25 -29.60 -2.47 26.50
C PRO B 25 -28.86 -2.68 27.82
N PHE B 26 -27.54 -2.53 27.81
CA PHE B 26 -26.76 -2.66 29.04
C PHE B 26 -26.99 -1.46 29.96
N THR B 27 -26.87 -0.25 29.40
CA THR B 27 -27.15 0.94 30.20
C THR B 27 -28.63 1.03 30.57
N ASP B 28 -29.54 0.52 29.72
CA ASP B 28 -30.94 0.45 30.12
C ASP B 28 -31.13 -0.44 31.35
N ALA B 29 -30.41 -1.56 31.41
CA ALA B 29 -30.54 -2.46 32.54
C ALA B 29 -29.73 -2.02 33.75
N ASN B 30 -28.73 -1.15 33.54
CA ASN B 30 -27.87 -0.62 34.60
C ASN B 30 -27.91 0.90 34.53
N PRO B 31 -28.98 1.51 35.04
CA PRO B 31 -29.16 2.96 34.85
C PRO B 31 -28.07 3.82 35.49
N HIS B 32 -27.31 3.28 36.45
CA HIS B 32 -26.26 4.06 37.10
C HIS B 32 -24.89 3.87 36.46
N ILE B 33 -24.84 3.24 35.29
CA ILE B 33 -23.61 3.06 34.54
C ILE B 33 -23.81 3.69 33.16
N THR B 34 -22.84 4.49 32.74
CA THR B 34 -22.76 4.98 31.37
C THR B 34 -21.43 4.51 30.79
N VAL B 35 -21.38 4.47 29.48
CA VAL B 35 -20.21 4.00 28.75
C VAL B 35 -19.75 5.13 27.84
N GLU B 36 -18.46 5.43 27.88
CA GLU B 36 -17.86 6.52 27.12
C GLU B 36 -16.74 5.95 26.26
N PRO B 37 -17.00 5.66 24.99
CA PRO B 37 -15.93 5.17 24.11
C PRO B 37 -15.07 6.30 23.53
N THR B 38 -13.79 5.96 23.31
CA THR B 38 -12.85 6.84 22.63
C THR B 38 -12.18 6.03 21.53
N VAL B 39 -12.06 6.59 20.34
CA VAL B 39 -11.46 5.86 19.24
C VAL B 39 -9.95 6.09 19.24
N VAL B 40 -9.22 5.00 19.00
CA VAL B 40 -7.76 4.99 18.96
C VAL B 40 -7.37 4.32 17.66
N ASP B 41 -6.59 5.00 16.83
CA ASP B 41 -6.23 4.44 15.53
C ASP B 41 -5.34 3.20 15.69
N TRP B 42 -5.40 2.31 14.70
CA TRP B 42 -4.71 1.02 14.81
C TRP B 42 -3.20 1.18 14.92
N SER B 43 -2.60 2.11 14.17
CA SER B 43 -1.17 2.08 13.96
C SER B 43 -0.39 2.30 15.26
N ALA B 44 -0.83 3.20 16.12
CA ALA B 44 -0.15 3.48 17.38
C ALA B 44 -0.86 2.88 18.59
N ALA B 45 -1.90 2.07 18.35
CA ALA B 45 -2.74 1.60 19.44
C ALA B 45 -1.95 0.78 20.45
N LEU B 46 -1.11 -0.15 19.97
CA LEU B 46 -0.36 -0.98 20.91
C LEU B 46 0.58 -0.13 21.76
N THR B 47 1.33 0.77 21.13
CA THR B 47 2.15 1.71 21.90
C THR B 47 1.33 2.45 22.94
N LYS B 48 0.14 2.94 22.57
CA LYS B 48 -0.65 3.73 23.51
C LYS B 48 -1.18 2.86 24.64
N ILE B 49 -1.57 1.63 24.33
CA ILE B 49 -2.07 0.72 25.36
C ILE B 49 -0.92 0.28 26.26
N THR B 50 0.25 0.03 25.68
CA THR B 50 1.43 -0.31 26.49
C THR B 50 1.79 0.86 27.42
N ALA B 51 1.72 2.09 26.90
CA ALA B 51 1.98 3.26 27.74
C ALA B 51 0.96 3.37 28.88
N ALA B 52 -0.31 3.08 28.59
CA ALA B 52 -1.34 3.20 29.63
C ALA B 52 -1.16 2.14 30.70
N ALA B 53 -0.74 0.94 30.30
CA ALA B 53 -0.46 -0.11 31.27
C ALA B 53 0.74 0.27 32.15
N THR B 54 1.80 0.81 31.54
CA THR B 54 3.00 1.18 32.28
C THR B 54 2.73 2.31 33.27
N SER B 55 2.00 3.34 32.83
CA SER B 55 1.88 4.57 33.60
C SER B 55 0.73 4.54 34.60
N GLY B 56 -0.26 3.67 34.39
CA GLY B 56 -1.48 3.73 35.17
C GLY B 56 -2.49 4.75 34.69
N GLU B 57 -2.17 5.51 33.65
CA GLU B 57 -3.09 6.50 33.08
C GLU B 57 -3.85 5.81 31.94
N ALA B 58 -5.03 5.29 32.24
CA ALA B 58 -5.68 4.33 31.37
C ALA B 58 -7.19 4.45 31.47
N PRO B 59 -7.90 4.06 30.43
CA PRO B 59 -9.34 3.86 30.58
C PRO B 59 -9.62 2.62 31.42
N ASP B 60 -10.90 2.35 31.67
CA ASP B 60 -11.25 1.11 32.35
C ASP B 60 -10.95 -0.10 31.48
N ILE B 61 -11.30 -0.03 30.20
CA ILE B 61 -11.31 -1.15 29.26
C ILE B 61 -10.64 -0.70 27.97
N THR B 62 -9.96 -1.61 27.29
CA THR B 62 -9.55 -1.32 25.94
C THR B 62 -9.72 -2.55 25.04
N GLN B 63 -10.10 -2.28 23.81
CA GLN B 63 -9.94 -3.26 22.77
C GLN B 63 -8.45 -3.48 22.52
N VAL B 64 -8.10 -4.72 22.18
CA VAL B 64 -6.75 -5.04 21.75
C VAL B 64 -6.84 -5.94 20.53
N GLY B 65 -5.90 -5.77 19.60
CA GLY B 65 -5.73 -6.81 18.59
C GLY B 65 -5.46 -8.12 19.32
N SER B 66 -6.09 -9.20 18.81
CA SER B 66 -6.02 -10.46 19.56
C SER B 66 -4.58 -10.92 19.81
N THR B 67 -3.65 -10.55 18.94
CA THR B 67 -2.25 -10.96 19.13
C THR B 67 -1.52 -10.13 20.18
N TRP B 68 -2.14 -9.06 20.70
CA TRP B 68 -1.47 -8.22 21.69
C TRP B 68 -1.75 -8.66 23.10
N THR B 69 -2.76 -9.49 23.32
CA THR B 69 -3.24 -9.77 24.66
C THR B 69 -2.10 -10.25 25.53
N ALA B 70 -1.29 -11.18 25.00
CA ALA B 70 -0.22 -11.77 25.80
C ALA B 70 0.85 -10.74 26.11
N ALA B 71 1.13 -9.83 25.16
CA ALA B 71 2.13 -8.79 25.42
C ALA B 71 1.71 -7.90 26.58
N ILE B 72 0.45 -7.47 26.59
CA ILE B 72 0.00 -6.57 27.63
C ILE B 72 -0.22 -7.31 28.95
N GLY B 73 -0.82 -8.51 28.89
CA GLY B 73 -1.05 -9.28 30.09
C GLY B 73 0.24 -9.69 30.79
N ALA B 74 1.32 -9.86 30.02
CA ALA B 74 2.58 -10.25 30.64
C ALA B 74 3.23 -9.10 31.40
N MET B 75 2.76 -7.88 31.21
CA MET B 75 3.31 -6.73 31.93
C MET B 75 2.83 -6.76 33.37
N GLU B 76 3.77 -6.70 34.32
CA GLU B 76 3.42 -6.84 35.72
C GLU B 76 2.40 -5.80 36.15
N GLY B 77 1.27 -6.26 36.70
CA GLY B 77 0.27 -5.37 37.23
C GLY B 77 -0.53 -4.60 36.20
N ALA B 78 -0.42 -4.95 34.92
CA ALA B 78 -1.07 -4.16 33.89
C ALA B 78 -2.57 -4.44 33.81
N LEU B 79 -2.95 -5.70 33.72
CA LEU B 79 -4.33 -6.06 33.45
C LEU B 79 -4.93 -6.91 34.56
N VAL B 80 -6.25 -6.83 34.66
CA VAL B 80 -7.01 -7.72 35.53
C VAL B 80 -6.96 -9.12 34.94
N GLU B 81 -6.56 -10.10 35.77
CA GLU B 81 -6.64 -11.47 35.32
C GLU B 81 -8.10 -11.91 35.30
N LEU B 82 -8.55 -12.41 34.15
CA LEU B 82 -9.93 -12.80 33.93
C LEU B 82 -10.17 -14.29 34.12
N THR B 83 -9.12 -15.07 34.37
CA THR B 83 -9.26 -16.50 34.56
C THR B 83 -10.35 -16.80 35.58
N GLY B 84 -11.29 -17.65 35.19
CA GLY B 84 -12.36 -18.06 36.08
C GLY B 84 -13.48 -17.06 36.22
N LYS B 85 -13.34 -15.87 35.67
CA LYS B 85 -14.36 -14.83 35.82
C LYS B 85 -15.34 -14.78 34.67
N ILE B 86 -15.03 -15.46 33.57
CA ILE B 86 -15.89 -15.53 32.41
C ILE B 86 -16.13 -16.99 32.08
N ASP B 87 -17.34 -17.32 31.64
CA ASP B 87 -17.67 -18.67 31.22
C ASP B 87 -17.15 -18.87 29.80
N THR B 88 -16.02 -19.57 29.67
CA THR B 88 -15.40 -19.76 28.36
C THR B 88 -16.14 -20.76 27.47
N SER B 89 -17.04 -21.57 28.03
CA SER B 89 -17.71 -22.60 27.25
C SER B 89 -18.62 -22.02 26.17
N ALA B 90 -19.06 -20.77 26.32
CA ALA B 90 -19.96 -20.17 25.34
C ALA B 90 -19.23 -19.69 24.08
N PHE B 91 -17.91 -19.75 24.06
CA PHE B 91 -17.11 -19.18 22.98
C PHE B 91 -16.73 -20.27 21.99
N VAL B 92 -16.62 -19.88 20.72
CA VAL B 92 -16.03 -20.77 19.71
C VAL B 92 -14.64 -21.11 20.17
N GLU B 93 -14.37 -22.40 20.37
CA GLU B 93 -13.18 -22.82 21.09
C GLU B 93 -11.91 -22.21 20.50
N SER B 94 -11.85 -22.09 19.18
CA SER B 94 -10.62 -21.62 18.55
C SER B 94 -10.30 -20.15 18.86
N THR B 95 -11.29 -19.36 19.29
CA THR B 95 -11.03 -17.95 19.56
C THR B 95 -10.44 -17.70 20.95
N LEU B 96 -10.43 -18.71 21.82
CA LEU B 96 -9.99 -18.50 23.19
C LEU B 96 -8.49 -18.51 23.35
N GLN B 97 -7.77 -19.18 22.45
CA GLN B 97 -6.32 -19.29 22.60
C GLN B 97 -5.66 -17.94 22.79
N SER B 98 -6.14 -16.92 22.08
CA SER B 98 -5.49 -15.62 22.08
C SER B 98 -5.77 -14.83 23.36
N ALA B 99 -6.70 -15.30 24.19
CA ALA B 99 -7.03 -14.63 25.43
C ALA B 99 -6.10 -15.03 26.57
N TYR B 100 -5.31 -16.07 26.38
CA TYR B 100 -4.39 -16.56 27.38
C TYR B 100 -2.95 -16.23 27.00
N ILE B 101 -2.08 -16.22 28.01
CA ILE B 101 -0.65 -16.25 27.79
C ILE B 101 -0.26 -17.72 27.66
N LYS B 102 0.17 -18.13 26.47
CA LYS B 102 0.61 -19.51 26.27
C LYS B 102 1.72 -19.85 27.27
N GLY B 103 1.73 -21.07 27.76
CA GLY B 103 2.82 -21.40 28.66
C GLY B 103 2.31 -21.26 30.11
N THR B 104 1.62 -20.14 30.40
CA THR B 104 0.84 -19.99 31.68
C THR B 104 -0.57 -20.60 31.44
N ASP B 105 -1.44 -20.65 32.44
CA ASP B 105 -2.87 -20.95 32.22
C ASP B 105 -3.69 -19.72 32.75
N LYS B 106 -3.25 -18.49 32.36
CA LYS B 106 -3.82 -17.18 32.80
C LYS B 106 -4.49 -16.50 31.63
N MET B 107 -5.74 -16.22 31.84
CA MET B 107 -6.53 -15.56 30.82
C MET B 107 -6.55 -14.07 31.14
N PHE B 108 -6.06 -13.25 30.21
CA PHE B 108 -6.01 -11.81 30.42
C PHE B 108 -6.88 -11.03 29.46
N GLY B 109 -7.53 -11.67 28.50
CA GLY B 109 -8.45 -11.00 27.63
C GLY B 109 -9.74 -11.80 27.47
N MET B 110 -10.74 -11.14 26.92
CA MET B 110 -11.92 -11.83 26.49
C MET B 110 -12.07 -11.68 24.97
N PRO B 111 -12.22 -12.76 24.22
CA PRO B 111 -12.46 -12.58 22.78
C PRO B 111 -13.72 -11.76 22.57
N TRP B 112 -13.66 -10.88 21.58
CA TRP B 112 -14.78 -10.00 21.26
C TRP B 112 -15.34 -10.25 19.88
N PHE B 113 -14.51 -10.21 18.86
CA PHE B 113 -14.91 -10.64 17.53
C PHE B 113 -13.71 -11.20 16.81
N THR B 114 -13.97 -11.94 15.73
CA THR B 114 -12.91 -12.59 15.00
C THR B 114 -13.17 -12.41 13.49
N GLU B 115 -12.26 -12.95 12.70
CA GLU B 115 -12.38 -12.92 11.26
C GLU B 115 -11.48 -14.00 10.70
N THR B 116 -11.81 -14.45 9.49
CA THR B 116 -10.99 -15.35 8.73
C THR B 116 -11.15 -14.95 7.27
N ARG B 117 -10.30 -15.49 6.41
CA ARG B 117 -10.32 -15.20 4.99
C ARG B 117 -10.75 -16.45 4.23
N ALA B 118 -11.68 -16.29 3.30
CA ALA B 118 -12.23 -17.38 2.51
C ALA B 118 -12.04 -17.08 1.03
N LEU B 119 -12.29 -18.09 0.20
CA LEU B 119 -12.00 -18.01 -1.22
C LEU B 119 -13.26 -17.55 -1.97
N PHE B 120 -13.22 -16.32 -2.45
CA PHE B 120 -14.31 -15.81 -3.28
C PHE B 120 -14.00 -16.15 -4.72
N TYR B 121 -15.04 -16.43 -5.50
CA TYR B 121 -14.87 -16.81 -6.89
C TYR B 121 -16.01 -16.25 -7.73
N ARG B 122 -15.72 -16.06 -9.00
CA ARG B 122 -16.71 -15.59 -9.97
C ARG B 122 -17.36 -16.81 -10.61
N LYS B 123 -18.65 -16.99 -10.36
CA LYS B 123 -19.33 -18.15 -10.93
C LYS B 123 -19.42 -18.07 -12.45
N ASP B 124 -19.62 -16.86 -12.98
CA ASP B 124 -19.66 -16.69 -14.43
C ASP B 124 -18.31 -17.03 -15.05
N ALA B 125 -17.22 -16.60 -14.42
CA ALA B 125 -15.90 -16.95 -14.93
C ALA B 125 -15.67 -18.45 -14.87
N CYS B 126 -16.15 -19.10 -13.79
CA CYS B 126 -15.88 -20.53 -13.63
C CYS B 126 -16.64 -21.36 -14.66
N GLU B 127 -17.90 -21.03 -14.92
CA GLU B 127 -18.66 -21.83 -15.88
C GLU B 127 -18.09 -21.68 -17.28
N LYS B 128 -17.57 -20.50 -17.62
CA LYS B 128 -16.97 -20.30 -18.93
C LYS B 128 -15.60 -20.94 -19.05
N ALA B 129 -14.90 -21.15 -17.94
CA ALA B 129 -13.58 -21.75 -17.95
C ALA B 129 -13.63 -23.27 -17.77
N GLY B 130 -14.81 -23.85 -17.56
CA GLY B 130 -14.90 -25.25 -17.27
C GLY B 130 -14.49 -25.62 -15.87
N VAL B 131 -14.59 -24.70 -14.93
CA VAL B 131 -14.28 -24.95 -13.53
C VAL B 131 -15.59 -25.12 -12.77
N ASN B 132 -15.70 -26.20 -12.01
CA ASN B 132 -16.83 -26.39 -11.12
C ASN B 132 -16.40 -25.94 -9.72
N PRO B 133 -16.86 -24.78 -9.23
CA PRO B 133 -16.31 -24.28 -7.97
C PRO B 133 -16.77 -25.04 -6.75
N GLU B 134 -17.86 -25.83 -6.87
CA GLU B 134 -18.30 -26.68 -5.76
C GLU B 134 -17.32 -27.81 -5.48
N THR B 135 -16.34 -28.05 -6.35
CA THR B 135 -15.36 -29.09 -6.10
C THR B 135 -13.94 -28.70 -6.49
N ASP B 136 -13.78 -27.95 -7.60
CA ASP B 136 -12.47 -27.70 -8.19
C ASP B 136 -11.51 -26.89 -7.31
N PHE B 137 -11.96 -26.42 -6.14
CA PHE B 137 -11.11 -25.65 -5.25
C PHE B 137 -10.78 -26.39 -3.96
N ALA B 138 -11.09 -27.69 -3.88
CA ALA B 138 -11.02 -28.41 -2.62
C ALA B 138 -9.60 -28.57 -2.09
N THR B 139 -8.59 -28.62 -2.97
CA THR B 139 -7.22 -28.83 -2.57
C THR B 139 -6.30 -27.86 -3.29
N TRP B 140 -5.07 -27.74 -2.77
CA TRP B 140 -4.05 -26.90 -3.39
C TRP B 140 -3.92 -27.19 -4.88
N ASP B 141 -3.64 -28.46 -5.22
CA ASP B 141 -3.34 -28.80 -6.61
C ASP B 141 -4.56 -28.61 -7.50
N LYS B 142 -5.74 -28.97 -7.02
CA LYS B 142 -6.95 -28.72 -7.79
C LYS B 142 -7.19 -27.22 -7.94
N PHE B 143 -6.97 -26.47 -6.86
CA PHE B 143 -7.09 -25.01 -6.92
C PHE B 143 -6.16 -24.43 -7.97
N LYS B 144 -4.89 -24.83 -7.93
CA LYS B 144 -3.93 -24.31 -8.91
C LYS B 144 -4.32 -24.68 -10.32
N ASP B 145 -4.80 -25.93 -10.51
CA ASP B 145 -5.30 -26.33 -11.82
C ASP B 145 -6.41 -25.40 -12.29
N ALA B 146 -7.32 -25.03 -11.39
CA ALA B 146 -8.40 -24.14 -11.76
C ALA B 146 -7.88 -22.77 -12.15
N LEU B 147 -6.89 -22.25 -11.41
CA LEU B 147 -6.34 -20.95 -11.73
C LEU B 147 -5.78 -20.91 -13.15
N LYS B 148 -5.15 -22.01 -13.59
CA LYS B 148 -4.62 -22.04 -14.95
C LYS B 148 -5.75 -21.91 -15.97
N LYS B 149 -6.90 -22.54 -15.70
CA LYS B 149 -8.04 -22.42 -16.61
C LYS B 149 -8.67 -21.04 -16.55
N LEU B 150 -8.52 -20.34 -15.43
CA LEU B 150 -9.16 -19.04 -15.23
C LEU B 150 -8.30 -17.87 -15.68
N ASN B 151 -6.98 -18.07 -15.80
CA ASN B 151 -6.08 -16.95 -16.03
C ASN B 151 -6.28 -16.40 -17.45
N GLY B 152 -6.68 -15.14 -17.54
CA GLY B 152 -6.91 -14.51 -18.82
C GLY B 152 -8.27 -14.78 -19.41
N ILE B 153 -9.18 -15.42 -18.67
CA ILE B 153 -10.50 -15.70 -19.19
C ILE B 153 -11.20 -14.37 -19.47
N GLU B 154 -11.97 -14.33 -20.55
CA GLU B 154 -12.68 -13.12 -20.94
C GLU B 154 -14.15 -13.27 -20.59
N VAL B 155 -14.66 -12.36 -19.76
CA VAL B 155 -16.06 -12.38 -19.32
C VAL B 155 -16.67 -11.04 -19.71
N ASP B 156 -17.47 -11.02 -20.77
CA ASP B 156 -18.15 -9.81 -21.21
C ASP B 156 -17.15 -8.68 -21.49
N GLY B 157 -16.14 -9.00 -22.31
CA GLY B 157 -15.16 -8.03 -22.74
C GLY B 157 -14.00 -7.81 -21.80
N LYS B 158 -14.15 -8.15 -20.52
CA LYS B 158 -13.11 -7.90 -19.54
C LYS B 158 -12.19 -9.11 -19.43
N LYS B 159 -10.88 -8.86 -19.37
CA LYS B 159 -9.89 -9.90 -19.15
C LYS B 159 -9.63 -10.03 -17.65
N LEU B 160 -9.84 -11.23 -17.12
CA LEU B 160 -9.76 -11.46 -15.68
C LEU B 160 -8.44 -12.17 -15.35
N ALA B 161 -7.74 -11.65 -14.35
CA ALA B 161 -6.67 -12.42 -13.73
C ALA B 161 -7.27 -13.53 -12.88
N ALA B 162 -6.56 -14.65 -12.80
CA ALA B 162 -7.07 -15.81 -12.08
C ALA B 162 -7.22 -15.51 -10.59
N LEU B 163 -6.18 -14.95 -9.98
CA LEU B 163 -6.17 -14.65 -8.56
C LEU B 163 -5.63 -13.25 -8.33
N GLY B 164 -6.34 -12.49 -7.51
CA GLY B 164 -5.85 -11.19 -7.09
C GLY B 164 -5.54 -11.17 -5.60
N MET B 165 -4.31 -10.84 -5.26
CA MET B 165 -3.92 -10.69 -3.86
C MET B 165 -2.87 -9.60 -3.76
N PRO B 166 -2.74 -8.98 -2.60
CA PRO B 166 -1.72 -7.94 -2.41
C PRO B 166 -0.35 -8.54 -2.17
N GLY B 167 0.66 -7.68 -2.24
CA GLY B 167 2.04 -8.06 -2.00
C GLY B 167 2.59 -7.42 -0.74
N LYS B 168 3.76 -6.78 -0.83
CA LYS B 168 4.41 -6.26 0.36
C LYS B 168 3.84 -4.94 0.89
N ASN B 169 3.20 -4.14 0.03
CA ASN B 169 2.71 -2.82 0.45
C ASN B 169 1.29 -2.96 0.98
N ASP B 170 1.21 -3.57 2.15
CA ASP B 170 -0.05 -4.09 2.67
C ASP B 170 0.14 -4.37 4.15
N TRP B 171 -0.97 -4.51 4.86
CA TRP B 171 -0.97 -4.79 6.29
C TRP B 171 -1.29 -6.25 6.60
N ASN B 172 -1.48 -7.08 5.57
CA ASN B 172 -1.80 -8.48 5.73
C ASN B 172 -0.69 -9.36 5.18
N VAL B 173 0.55 -8.86 5.17
CA VAL B 173 1.62 -9.60 4.51
C VAL B 173 1.79 -10.97 5.14
N VAL B 174 1.90 -11.02 6.47
CA VAL B 174 2.06 -12.29 7.16
C VAL B 174 0.75 -13.07 7.12
N HIS B 175 -0.36 -12.41 7.42
CA HIS B 175 -1.63 -13.11 7.50
C HIS B 175 -1.96 -13.85 6.19
N ASN B 176 -1.64 -13.25 5.05
CA ASN B 176 -1.96 -13.89 3.78
C ASN B 176 -1.13 -15.12 3.50
N PHE B 177 0.04 -15.24 4.11
CA PHE B 177 0.80 -16.47 3.99
C PHE B 177 0.40 -17.52 5.02
N SER B 178 -0.29 -17.12 6.09
CA SER B 178 -0.41 -17.97 7.26
C SER B 178 -0.96 -19.36 6.92
N TRP B 179 -2.11 -19.43 6.26
CA TRP B 179 -2.74 -20.74 6.07
C TRP B 179 -2.09 -21.56 4.97
N TRP B 180 -1.26 -20.95 4.11
CA TRP B 180 -0.43 -21.71 3.19
C TRP B 180 0.68 -22.43 3.95
N ILE B 181 1.28 -21.75 4.93
CA ILE B 181 2.28 -22.40 5.78
C ILE B 181 1.63 -23.51 6.60
N TYR B 182 0.45 -23.24 7.16
CA TYR B 182 -0.23 -24.24 7.99
C TYR B 182 -0.60 -25.46 7.16
N GLY B 183 -1.22 -25.24 6.00
CA GLY B 183 -1.69 -26.35 5.19
C GLY B 183 -0.57 -27.21 4.65
N ALA B 184 0.66 -26.71 4.65
CA ALA B 184 1.83 -27.51 4.30
C ALA B 184 2.39 -28.29 5.49
N GLY B 185 1.82 -28.11 6.68
CA GLY B 185 2.31 -28.77 7.86
C GLY B 185 3.28 -27.94 8.68
N GLY B 186 3.41 -26.65 8.38
CA GLY B 186 4.38 -25.82 9.05
C GLY B 186 3.72 -24.79 9.97
N ASP B 187 4.57 -23.99 10.59
CA ASP B 187 4.12 -22.95 11.50
C ASP B 187 5.22 -21.92 11.62
N PHE B 188 4.85 -20.75 12.14
CA PHE B 188 5.83 -19.68 12.33
C PHE B 188 6.73 -19.96 13.51
N VAL B 189 6.16 -20.48 14.60
CA VAL B 189 6.89 -20.87 15.80
C VAL B 189 6.29 -22.17 16.28
N ASN B 190 6.96 -22.80 17.25
CA ASN B 190 6.44 -24.04 17.80
C ASN B 190 5.21 -23.75 18.65
N GLU B 191 4.58 -24.83 19.15
CA GLU B 191 3.34 -24.70 19.91
C GLU B 191 3.51 -23.73 21.08
N GLU B 192 4.60 -23.86 21.83
CA GLU B 192 4.83 -23.04 23.01
C GLU B 192 5.35 -21.65 22.68
N GLY B 193 5.60 -21.34 21.40
CA GLY B 193 6.05 -20.01 21.02
C GLY B 193 7.38 -19.61 21.61
N THR B 194 8.30 -20.56 21.74
CA THR B 194 9.62 -20.29 22.31
C THR B 194 10.76 -20.41 21.31
N GLN B 195 10.52 -20.97 20.12
CA GLN B 195 11.54 -20.96 19.07
C GLN B 195 10.86 -20.94 17.71
N ALA B 196 11.59 -20.42 16.72
CA ALA B 196 11.07 -20.28 15.37
C ALA B 196 11.09 -21.61 14.63
N THR B 197 10.05 -21.85 13.84
CA THR B 197 10.00 -23.00 12.94
C THR B 197 9.73 -22.55 11.51
N PHE B 198 9.97 -21.26 11.23
CA PHE B 198 9.67 -20.65 9.93
C PHE B 198 10.48 -21.23 8.78
N SER B 199 11.61 -21.87 9.05
CA SER B 199 12.47 -22.39 8.00
C SER B 199 12.38 -23.92 7.86
N SER B 200 11.37 -24.54 8.46
CA SER B 200 11.21 -25.99 8.31
C SER B 200 10.85 -26.33 6.87
N GLU B 201 11.04 -27.60 6.52
CA GLU B 201 10.69 -28.04 5.18
C GLU B 201 9.23 -27.75 4.86
N ASN B 202 8.34 -27.93 5.84
CA ASN B 202 6.92 -27.73 5.55
C ASN B 202 6.59 -26.26 5.32
N ALA B 203 7.18 -25.37 6.11
CA ALA B 203 6.88 -23.95 5.93
C ALA B 203 7.37 -23.46 4.57
N LEU B 204 8.60 -23.81 4.21
CA LEU B 204 9.10 -23.45 2.88
CA LEU B 204 9.10 -23.45 2.88
C LEU B 204 8.20 -24.00 1.79
N LYS B 205 7.71 -25.22 1.97
CA LYS B 205 6.79 -25.80 1.00
C LYS B 205 5.57 -24.89 0.78
N GLY B 206 5.00 -24.38 1.88
CA GLY B 206 3.85 -23.50 1.74
C GLY B 206 4.22 -22.13 1.19
N ILE B 207 5.33 -21.56 1.66
CA ILE B 207 5.79 -20.28 1.14
C ILE B 207 6.06 -20.40 -0.35
N LYS B 208 6.67 -21.51 -0.76
CA LYS B 208 7.03 -21.70 -2.17
C LYS B 208 5.78 -21.83 -3.02
N PHE B 209 4.81 -22.64 -2.58
CA PHE B 209 3.62 -22.86 -3.37
C PHE B 209 2.91 -21.54 -3.64
N TYR B 210 2.64 -20.78 -2.57
CA TYR B 210 1.87 -19.55 -2.69
C TYR B 210 2.63 -18.50 -3.50
N SER B 211 3.88 -18.23 -3.12
CA SER B 211 4.62 -17.17 -3.80
C SER B 211 4.85 -17.51 -5.26
N GLU B 212 5.00 -18.78 -5.62
CA GLU B 212 5.27 -19.10 -7.02
C GLU B 212 4.02 -19.07 -7.89
N LEU B 213 2.83 -18.97 -7.31
CA LEU B 213 1.66 -18.65 -8.11
C LEU B 213 1.87 -17.35 -8.88
N ALA B 214 2.53 -16.37 -8.25
CA ALA B 214 2.84 -15.12 -8.93
C ALA B 214 3.91 -15.31 -10.00
N VAL B 215 4.94 -16.10 -9.71
CA VAL B 215 5.98 -16.35 -10.71
C VAL B 215 5.37 -16.98 -11.95
N GLU B 216 4.41 -17.88 -11.77
CA GLU B 216 3.79 -18.57 -12.89
C GLU B 216 2.73 -17.71 -13.59
N GLY B 217 2.56 -16.46 -13.19
CA GLY B 217 1.61 -15.58 -13.84
C GLY B 217 0.17 -15.78 -13.44
N LEU B 218 -0.11 -16.58 -12.41
CA LEU B 218 -1.49 -16.83 -12.02
C LEU B 218 -2.05 -15.74 -11.11
N MET B 219 -1.21 -14.89 -10.56
CA MET B 219 -1.65 -13.76 -9.77
C MET B 219 -1.51 -12.48 -10.58
N ASP B 220 -2.40 -11.53 -10.30
CA ASP B 220 -2.38 -10.26 -11.02
C ASP B 220 -1.15 -9.46 -10.59
N GLU B 221 -0.23 -9.24 -11.51
CA GLU B 221 1.05 -8.63 -11.15
C GLU B 221 0.88 -7.18 -10.69
N PRO B 222 0.04 -6.38 -11.35
CA PRO B 222 -0.19 -5.01 -10.84
C PRO B 222 -0.73 -4.98 -9.42
N SER B 223 -1.60 -5.93 -9.05
CA SER B 223 -2.16 -5.98 -7.71
C SER B 223 -1.12 -6.27 -6.65
N LEU B 224 -0.02 -6.94 -7.01
CA LEU B 224 1.02 -7.19 -6.02
C LEU B 224 1.68 -5.90 -5.55
N GLU B 225 1.46 -4.78 -6.22
CA GLU B 225 1.91 -3.48 -5.71
C GLU B 225 0.89 -2.80 -4.81
N LYS B 226 -0.31 -3.36 -4.70
CA LYS B 226 -1.44 -2.75 -4.02
C LYS B 226 -1.70 -3.44 -2.68
N ASN B 227 -2.75 -3.00 -1.97
CA ASN B 227 -3.04 -3.48 -0.63
C ASN B 227 -4.39 -4.21 -0.60
N THR B 228 -4.75 -4.69 0.59
CA THR B 228 -5.94 -5.53 0.74
C THR B 228 -7.21 -4.82 0.31
N SER B 229 -7.35 -3.56 0.70
CA SER B 229 -8.55 -2.81 0.35
C SER B 229 -8.65 -2.64 -1.17
N ASP B 230 -7.52 -2.45 -1.85
CA ASP B 230 -7.51 -2.34 -3.30
C ASP B 230 -7.99 -3.63 -3.95
N ILE B 231 -7.48 -4.77 -3.48
CA ILE B 231 -7.90 -6.05 -4.03
C ILE B 231 -9.40 -6.23 -3.84
N GLU B 232 -9.90 -5.90 -2.66
CA GLU B 232 -11.33 -6.01 -2.39
C GLU B 232 -12.13 -5.16 -3.36
N SER B 233 -11.71 -3.91 -3.55
CA SER B 233 -12.40 -3.02 -4.48
C SER B 233 -12.34 -3.54 -5.90
N ALA B 234 -11.17 -4.02 -6.32
CA ALA B 234 -11.01 -4.47 -7.70
C ALA B 234 -11.85 -5.73 -7.94
N PHE B 235 -11.88 -6.64 -6.97
CA PHE B 235 -12.74 -7.81 -7.13
C PHE B 235 -14.19 -7.37 -7.25
N GLY B 236 -14.62 -6.42 -6.43
CA GLY B 236 -15.95 -5.87 -6.54
C GLY B 236 -16.25 -5.26 -7.90
N ASP B 237 -15.22 -4.84 -8.64
CA ASP B 237 -15.39 -4.29 -9.98
C ASP B 237 -15.13 -5.33 -11.07
N GLY B 238 -14.98 -6.59 -10.68
CA GLY B 238 -14.84 -7.67 -11.63
C GLY B 238 -13.46 -7.88 -12.19
N ALA B 239 -12.42 -7.55 -11.44
CA ALA B 239 -11.06 -7.60 -11.97
C ALA B 239 -10.45 -8.99 -11.93
N TYR B 240 -10.91 -9.86 -11.02
CA TYR B 240 -10.30 -11.16 -10.85
C TYR B 240 -11.36 -12.26 -10.76
N ALA B 241 -10.95 -13.46 -11.17
CA ALA B 241 -11.83 -14.61 -11.01
C ALA B 241 -11.93 -15.05 -9.55
N THR B 242 -10.84 -14.90 -8.78
CA THR B 242 -10.82 -15.33 -7.39
C THR B 242 -10.00 -14.36 -6.54
N ALA B 243 -10.23 -14.44 -5.23
CA ALA B 243 -9.49 -13.67 -4.24
C ALA B 243 -9.83 -14.23 -2.86
N PHE B 244 -8.88 -14.14 -1.93
CA PHE B 244 -9.09 -14.52 -0.54
C PHE B 244 -9.37 -13.26 0.25
N MET B 245 -10.55 -13.19 0.87
CA MET B 245 -10.96 -11.96 1.54
C MET B 245 -11.78 -12.28 2.76
N GLY B 246 -11.88 -11.29 3.64
CA GLY B 246 -12.70 -11.41 4.82
C GLY B 246 -14.16 -11.19 4.52
N PRO B 247 -15.00 -11.49 5.52
CA PRO B 247 -16.46 -11.50 5.28
C PRO B 247 -17.05 -10.14 5.02
N TRP B 248 -16.35 -9.07 5.38
CA TRP B 248 -16.90 -7.72 5.26
C TRP B 248 -17.11 -7.30 3.81
N VAL B 249 -16.44 -7.96 2.86
CA VAL B 249 -16.63 -7.52 1.47
C VAL B 249 -18.05 -7.78 0.99
N ILE B 250 -18.75 -8.76 1.57
CA ILE B 250 -20.11 -9.04 1.13
C ILE B 250 -20.98 -7.81 1.29
N SER B 251 -20.93 -7.20 2.48
CA SER B 251 -21.68 -5.97 2.74
C SER B 251 -21.31 -4.90 1.72
N SER B 252 -20.02 -4.74 1.43
CA SER B 252 -19.60 -3.75 0.45
C SER B 252 -20.22 -4.04 -0.91
N TYR B 253 -20.14 -5.28 -1.37
CA TYR B 253 -20.65 -5.60 -2.70
C TYR B 253 -22.17 -5.50 -2.73
N THR B 254 -22.85 -5.81 -1.63
CA THR B 254 -24.29 -5.64 -1.57
C THR B 254 -24.65 -4.17 -1.69
N LYS B 255 -23.89 -3.30 -1.01
CA LYS B 255 -24.18 -1.88 -1.05
C LYS B 255 -23.87 -1.29 -2.41
N ASN B 256 -22.80 -1.77 -3.06
CA ASN B 256 -22.51 -1.30 -4.42
C ASN B 256 -23.72 -1.52 -5.33
N LYS B 257 -24.39 -2.66 -5.17
CA LYS B 257 -25.56 -2.96 -5.98
C LYS B 257 -26.69 -1.98 -5.71
N GLU B 258 -26.92 -1.65 -4.43
CA GLU B 258 -27.99 -0.72 -4.11
C GLU B 258 -27.66 0.70 -4.55
N GLU B 259 -26.38 1.09 -4.50
CA GLU B 259 -26.04 2.49 -4.74
C GLU B 259 -25.90 2.80 -6.22
N ASN B 260 -25.18 1.97 -6.98
CA ASN B 260 -24.90 2.25 -8.38
C ASN B 260 -25.30 1.13 -9.32
N GLY B 261 -25.90 0.05 -8.83
CA GLY B 261 -26.35 -1.01 -9.69
C GLY B 261 -25.32 -2.04 -10.05
N ASN B 262 -24.13 -1.97 -9.44
CA ASN B 262 -23.10 -2.99 -9.65
C ASN B 262 -23.64 -4.37 -9.29
N ASP B 263 -23.69 -5.25 -10.29
CA ASP B 263 -24.27 -6.58 -10.13
C ASP B 263 -23.27 -7.63 -9.67
N LEU B 264 -22.07 -7.21 -9.26
CA LEU B 264 -21.01 -8.16 -8.93
C LEU B 264 -21.45 -9.14 -7.85
N ILE B 265 -22.17 -8.64 -6.84
CA ILE B 265 -22.59 -9.50 -5.74
C ILE B 265 -23.43 -10.69 -6.20
N ASP B 266 -24.06 -10.60 -7.37
CA ASP B 266 -24.92 -11.67 -7.85
C ASP B 266 -24.16 -12.72 -8.67
N LYS B 267 -22.88 -12.50 -8.96
CA LYS B 267 -22.12 -13.40 -9.83
C LYS B 267 -21.02 -14.14 -9.09
N ILE B 268 -20.98 -14.05 -7.75
CA ILE B 268 -19.89 -14.62 -6.98
C ILE B 268 -20.42 -15.67 -6.00
N GLY B 269 -19.54 -16.61 -5.66
CA GLY B 269 -19.73 -17.48 -4.53
C GLY B 269 -18.52 -17.41 -3.61
N VAL B 270 -18.57 -18.22 -2.55
CA VAL B 270 -17.47 -18.31 -1.60
C VAL B 270 -17.35 -19.74 -1.11
N THR B 271 -16.10 -20.18 -0.89
CA THR B 271 -15.85 -21.50 -0.36
C THR B 271 -14.65 -21.42 0.57
N MET B 272 -14.42 -22.49 1.32
CA MET B 272 -13.32 -22.51 2.28
C MET B 272 -11.98 -22.53 1.55
N VAL B 273 -10.94 -22.08 2.24
CA VAL B 273 -9.58 -22.11 1.71
C VAL B 273 -9.27 -23.52 1.23
N PRO B 274 -8.50 -23.69 0.16
CA PRO B 274 -8.14 -25.05 -0.28
C PRO B 274 -7.35 -25.80 0.78
N GLU B 275 -7.63 -27.10 0.89
CA GLU B 275 -6.95 -27.96 1.85
C GLU B 275 -5.53 -28.24 1.39
N GLY B 276 -4.57 -28.13 2.33
CA GLY B 276 -3.19 -28.39 2.02
C GLY B 276 -2.81 -29.84 2.29
N PRO B 277 -1.57 -30.20 1.99
CA PRO B 277 -1.14 -31.59 2.20
C PRO B 277 -1.24 -32.04 3.64
N ALA B 278 -1.19 -31.12 4.59
CA ALA B 278 -1.26 -31.47 6.01
C ALA B 278 -2.66 -31.26 6.59
N GLY B 279 -3.61 -30.80 5.80
CA GLY B 279 -4.96 -30.54 6.26
C GLY B 279 -5.39 -29.13 5.92
N ARG B 280 -6.63 -28.82 6.30
CA ARG B 280 -7.20 -27.51 6.04
C ARG B 280 -7.04 -26.65 7.29
N TYR B 281 -6.39 -25.51 7.12
CA TYR B 281 -6.24 -24.53 8.19
C TYR B 281 -6.61 -23.18 7.60
N ALA B 282 -7.06 -22.29 8.47
CA ALA B 282 -7.47 -20.96 8.06
C ALA B 282 -6.95 -19.95 9.08
N PHE B 283 -6.74 -18.73 8.61
CA PHE B 283 -6.33 -17.64 9.45
C PHE B 283 -7.44 -17.23 10.41
N MET B 284 -7.03 -16.75 11.59
CA MET B 284 -7.94 -16.20 12.59
C MET B 284 -7.36 -14.90 13.10
N GLY B 285 -8.14 -13.84 13.03
CA GLY B 285 -7.72 -12.55 13.53
C GLY B 285 -8.69 -12.00 14.54
N GLY B 286 -8.87 -10.70 14.55
CA GLY B 286 -9.88 -10.10 15.37
C GLY B 286 -9.31 -9.43 16.60
N SER B 287 -10.21 -9.18 17.56
CA SER B 287 -9.91 -8.34 18.70
C SER B 287 -10.47 -8.95 19.96
N ASN B 288 -9.80 -8.66 21.08
CA ASN B 288 -10.22 -9.04 22.42
C ASN B 288 -10.48 -7.77 23.21
N LEU B 289 -11.02 -7.94 24.41
CA LEU B 289 -11.20 -6.86 25.37
C LEU B 289 -10.40 -7.17 26.63
N VAL B 290 -9.80 -6.15 27.22
CA VAL B 290 -9.08 -6.30 28.47
C VAL B 290 -9.52 -5.19 29.41
N ILE B 291 -9.35 -5.45 30.70
CA ILE B 291 -9.64 -4.50 31.76
C ILE B 291 -8.32 -4.10 32.41
N PHE B 292 -8.07 -2.81 32.50
CA PHE B 292 -6.84 -2.36 33.13
C PHE B 292 -6.90 -2.56 34.64
N ASN B 293 -5.79 -3.01 35.21
CA ASN B 293 -5.69 -3.20 36.66
C ASN B 293 -5.78 -1.89 37.44
N SER B 294 -5.54 -0.76 36.79
CA SER B 294 -5.66 0.54 37.41
C SER B 294 -7.11 1.02 37.51
N SER B 295 -8.06 0.26 36.95
CA SER B 295 -9.44 0.70 36.90
C SER B 295 -10.04 0.77 38.31
N LYS B 296 -10.80 1.84 38.56
CA LYS B 296 -11.54 1.97 39.80
C LYS B 296 -12.93 1.33 39.72
N ASN B 297 -13.30 0.77 38.57
CA ASN B 297 -14.64 0.25 38.30
C ASN B 297 -14.58 -1.18 37.75
N LYS B 298 -13.79 -2.04 38.39
CA LYS B 298 -13.54 -3.36 37.82
C LYS B 298 -14.78 -4.23 37.80
N ASP B 299 -15.65 -4.09 38.80
CA ASP B 299 -16.87 -4.89 38.82
C ASP B 299 -17.78 -4.54 37.66
N GLU B 300 -18.02 -3.25 37.43
CA GLU B 300 -18.85 -2.84 36.32
C GLU B 300 -18.19 -3.16 34.99
N ALA B 301 -16.87 -2.99 34.92
CA ALA B 301 -16.17 -3.30 33.69
C ALA B 301 -16.33 -4.77 33.32
N LEU B 302 -16.25 -5.66 34.31
CA LEU B 302 -16.44 -7.07 34.03
C LEU B 302 -17.87 -7.36 33.57
N GLU B 303 -18.85 -6.68 34.16
CA GLU B 303 -20.23 -6.85 33.72
C GLU B 303 -20.39 -6.38 32.27
N LEU B 304 -19.68 -5.33 31.87
CA LEU B 304 -19.76 -4.88 30.49
C LEU B 304 -19.12 -5.88 29.54
N LEU B 305 -17.96 -6.44 29.91
CA LEU B 305 -17.37 -7.51 29.10
C LEU B 305 -18.35 -8.67 28.94
N LYS B 306 -18.96 -9.11 30.04
CA LYS B 306 -19.91 -10.20 29.94
C LYS B 306 -21.05 -9.83 28.99
N PHE B 307 -21.51 -8.58 29.04
CA PHE B 307 -22.53 -8.13 28.12
C PHE B 307 -22.07 -8.19 26.67
N PHE B 308 -20.85 -7.73 26.40
CA PHE B 308 -20.33 -7.82 25.04
C PHE B 308 -20.24 -9.26 24.57
N ALA B 309 -20.21 -10.23 25.48
CA ALA B 309 -20.22 -11.64 25.12
C ALA B 309 -21.62 -12.24 25.07
N SER B 310 -22.65 -11.47 25.40
CA SER B 310 -24.02 -11.95 25.29
C SER B 310 -24.40 -12.15 23.83
N LYS B 311 -25.35 -13.05 23.60
CA LYS B 311 -25.75 -13.35 22.22
C LYS B 311 -26.14 -12.09 21.45
N GLU B 312 -27.00 -11.26 22.04
CA GLU B 312 -27.53 -10.12 21.29
C GLU B 312 -26.43 -9.10 20.99
N ALA B 313 -25.55 -8.84 21.95
CA ALA B 313 -24.46 -7.91 21.70
C ALA B 313 -23.52 -8.46 20.63
N GLN B 314 -23.27 -9.77 20.66
CA GLN B 314 -22.39 -10.38 19.66
C GLN B 314 -22.99 -10.28 18.27
N VAL B 315 -24.31 -10.43 18.16
CA VAL B 315 -24.94 -10.26 16.85
C VAL B 315 -24.88 -8.81 16.41
N GLU B 316 -25.28 -7.89 17.30
CA GLU B 316 -25.35 -6.48 16.93
C GLU B 316 -23.99 -5.92 16.55
N TYR B 317 -22.97 -6.19 17.36
CA TYR B 317 -21.69 -5.54 17.10
C TYR B 317 -20.98 -6.21 15.93
N SER B 318 -21.11 -7.53 15.79
CA SER B 318 -20.52 -8.19 14.63
C SER B 318 -21.16 -7.69 13.34
N LYS B 319 -22.47 -7.45 13.36
CA LYS B 319 -23.13 -6.90 12.18
C LYS B 319 -22.55 -5.53 11.82
N VAL B 320 -22.49 -4.61 12.79
CA VAL B 320 -22.08 -3.25 12.48
C VAL B 320 -20.60 -3.17 12.18
N SER B 321 -19.78 -4.07 12.74
CA SER B 321 -18.36 -4.09 12.44
C SER B 321 -18.03 -4.94 11.23
N LYS B 322 -18.99 -5.68 10.71
CA LYS B 322 -18.79 -6.59 9.58
C LYS B 322 -17.77 -7.68 9.93
N MET B 323 -17.70 -8.03 11.21
CA MET B 323 -16.82 -9.07 11.70
C MET B 323 -17.64 -10.30 12.04
N LEU B 324 -17.00 -11.29 12.67
CA LEU B 324 -17.61 -12.56 13.02
C LEU B 324 -17.67 -12.71 14.52
N PRO B 325 -18.77 -13.25 15.05
CA PRO B 325 -18.87 -13.43 16.50
C PRO B 325 -17.88 -14.46 17.01
N VAL B 326 -17.54 -14.32 18.29
CA VAL B 326 -16.76 -15.33 18.99
C VAL B 326 -17.62 -16.25 19.85
N VAL B 327 -18.92 -16.00 19.97
CA VAL B 327 -19.78 -16.81 20.82
C VAL B 327 -20.68 -17.68 19.93
N LYS B 328 -20.75 -18.97 20.27
CA LYS B 328 -21.46 -19.92 19.42
C LYS B 328 -22.92 -19.50 19.21
N ALA B 329 -23.61 -19.10 20.27
CA ALA B 329 -25.03 -18.81 20.16
C ALA B 329 -25.31 -17.73 19.13
N ALA B 330 -24.35 -16.83 18.89
CA ALA B 330 -24.58 -15.70 17.99
C ALA B 330 -24.83 -16.17 16.56
N TYR B 331 -24.27 -17.31 16.19
CA TYR B 331 -24.37 -17.78 14.81
C TYR B 331 -25.75 -18.32 14.48
N GLU B 332 -26.65 -18.38 15.46
CA GLU B 332 -28.03 -18.78 15.22
C GLU B 332 -28.87 -17.63 14.69
N ASP B 333 -28.34 -16.41 14.65
CA ASP B 333 -29.06 -15.31 14.04
C ASP B 333 -29.13 -15.52 12.53
N PRO B 334 -30.25 -15.17 11.88
CA PRO B 334 -30.34 -15.38 10.43
C PRO B 334 -29.18 -14.79 9.65
N TYR B 335 -28.59 -13.70 10.15
CA TYR B 335 -27.53 -13.03 9.41
C TYR B 335 -26.35 -13.96 9.19
N PHE B 336 -26.00 -14.76 10.20
CA PHE B 336 -24.74 -15.51 10.19
C PHE B 336 -24.92 -16.95 9.74
N GLU B 337 -26.04 -17.28 9.08
CA GLU B 337 -26.23 -18.60 8.51
C GLU B 337 -26.66 -18.54 7.04
N ASP B 338 -26.54 -17.39 6.38
CA ASP B 338 -26.90 -17.30 4.98
C ASP B 338 -25.92 -18.12 4.13
N SER B 339 -26.14 -18.11 2.81
CA SER B 339 -25.39 -18.98 1.91
C SER B 339 -23.92 -18.61 1.78
N LEU B 340 -23.50 -17.45 2.27
CA LEU B 340 -22.09 -17.05 2.24
C LEU B 340 -21.46 -17.00 3.62
N MET B 341 -22.17 -16.46 4.61
CA MET B 341 -21.61 -16.38 5.96
C MET B 341 -21.36 -17.76 6.54
N LYS B 342 -22.15 -18.76 6.13
CA LYS B 342 -21.99 -20.11 6.66
C LYS B 342 -20.56 -20.62 6.46
N VAL B 343 -19.94 -20.26 5.33
CA VAL B 343 -18.59 -20.72 5.04
C VAL B 343 -17.61 -20.17 6.07
N PHE B 344 -17.72 -18.86 6.35
CA PHE B 344 -16.88 -18.27 7.39
C PHE B 344 -17.15 -18.90 8.75
N LYS B 345 -18.42 -19.17 9.06
CA LYS B 345 -18.74 -19.80 10.33
C LYS B 345 -18.04 -21.14 10.46
N GLU B 346 -18.19 -21.99 9.44
CA GLU B 346 -17.56 -23.30 9.47
C GLU B 346 -16.05 -23.16 9.55
N GLN B 347 -15.48 -22.18 8.87
CA GLN B 347 -14.02 -22.09 8.78
C GLN B 347 -13.42 -21.65 10.11
N VAL B 348 -13.93 -20.59 10.73
CA VAL B 348 -13.34 -20.12 11.98
C VAL B 348 -13.45 -21.19 13.05
N ASP B 349 -14.59 -21.89 13.09
CA ASP B 349 -14.84 -22.89 14.12
C ASP B 349 -13.94 -24.10 13.95
N LYS B 350 -14.08 -24.82 12.83
CA LYS B 350 -13.42 -26.12 12.69
C LYS B 350 -11.96 -26.00 12.28
N TYR B 351 -11.59 -24.96 11.54
CA TYR B 351 -10.28 -24.92 10.88
C TYR B 351 -9.45 -23.72 11.24
N GLY B 352 -9.96 -22.79 12.04
CA GLY B 352 -9.21 -21.60 12.36
C GLY B 352 -8.01 -21.92 13.22
N LYS B 353 -6.92 -21.22 12.96
CA LYS B 353 -5.68 -21.37 13.72
C LYS B 353 -5.15 -19.98 14.01
N HIS B 354 -4.89 -19.70 15.28
CA HIS B 354 -4.39 -18.38 15.69
C HIS B 354 -2.90 -18.47 15.97
N TYR B 355 -2.21 -17.34 15.80
CA TYR B 355 -0.80 -17.28 16.15
C TYR B 355 -0.60 -17.59 17.63
N ALA B 356 0.58 -18.12 17.96
CA ALA B 356 0.92 -18.38 19.35
C ALA B 356 0.70 -17.14 20.21
N SER B 357 0.08 -17.33 21.37
CA SER B 357 -0.29 -16.19 22.20
C SER B 357 0.83 -15.95 23.22
N VAL B 358 1.91 -15.31 22.75
CA VAL B 358 3.09 -15.07 23.58
C VAL B 358 3.47 -13.60 23.55
N PRO B 359 4.12 -13.09 24.61
CA PRO B 359 4.37 -11.65 24.67
C PRO B 359 5.19 -11.13 23.50
N GLY B 360 6.08 -11.95 22.94
CA GLY B 360 6.91 -11.49 21.86
C GLY B 360 6.33 -11.53 20.47
N TRP B 361 5.06 -11.90 20.29
CA TRP B 361 4.55 -12.09 18.94
C TRP B 361 4.62 -10.80 18.13
N ALA B 362 4.17 -9.69 18.72
CA ALA B 362 4.18 -8.41 18.01
C ALA B 362 5.54 -8.14 17.38
N SER B 363 6.62 -8.30 18.15
CA SER B 363 7.96 -8.11 17.61
C SER B 363 8.28 -9.14 16.55
N ALA B 364 7.87 -10.39 16.75
CA ALA B 364 8.15 -11.42 15.76
C ALA B 364 7.44 -11.12 14.45
N GLU B 365 6.19 -10.66 14.53
CA GLU B 365 5.41 -10.45 13.32
C GLU B 365 6.07 -9.39 12.43
N VAL B 366 6.73 -8.41 13.04
CA VAL B 366 7.46 -7.40 12.27
C VAL B 366 8.53 -8.05 11.42
N ILE B 367 9.35 -8.91 12.03
CA ILE B 367 10.40 -9.63 11.31
C ILE B 367 9.79 -10.53 10.24
N PHE B 368 8.71 -11.25 10.58
CA PHE B 368 8.06 -12.08 9.58
C PHE B 368 7.60 -11.24 8.40
N SER B 369 7.02 -10.08 8.68
CA SER B 369 6.51 -9.23 7.59
C SER B 369 7.65 -8.73 6.70
N GLU B 370 8.77 -8.35 7.31
CA GLU B 370 9.89 -7.88 6.50
C GLU B 370 10.46 -8.98 5.62
N GLY B 371 10.50 -10.22 6.14
CA GLY B 371 11.02 -11.31 5.34
C GLY B 371 10.10 -11.69 4.21
N LEU B 372 8.80 -11.79 4.49
CA LEU B 372 7.87 -12.13 3.43
C LEU B 372 7.82 -11.00 2.41
N SER B 373 8.07 -9.77 2.85
CA SER B 373 8.18 -8.65 1.93
C SER B 373 9.34 -8.84 0.96
N LYS B 374 10.49 -9.30 1.46
CA LYS B 374 11.61 -9.60 0.57
C LYS B 374 11.30 -10.75 -0.38
N ILE B 375 10.48 -11.71 0.07
CA ILE B 375 10.09 -12.80 -0.81
C ILE B 375 9.21 -12.28 -1.95
N TRP B 376 8.29 -11.37 -1.65
CA TRP B 376 7.52 -10.75 -2.74
C TRP B 376 8.45 -10.01 -3.69
N ASP B 377 9.42 -9.25 -3.16
CA ASP B 377 10.43 -8.62 -4.01
C ASP B 377 11.13 -9.64 -4.91
N ASN B 378 11.47 -10.81 -4.38
CA ASN B 378 12.13 -11.84 -5.17
C ASN B 378 11.24 -12.31 -6.32
N VAL B 379 9.99 -12.68 -6.03
CA VAL B 379 9.14 -13.22 -7.09
C VAL B 379 8.77 -12.13 -8.09
N MET B 380 8.74 -10.89 -7.67
CA MET B 380 8.45 -9.78 -8.57
C MET B 380 9.67 -9.29 -9.31
N GLU B 381 10.85 -9.85 -9.02
CA GLU B 381 12.08 -9.59 -9.77
C GLU B 381 12.46 -8.12 -9.71
N VAL B 382 12.25 -7.50 -8.55
CA VAL B 382 12.63 -6.10 -8.42
C VAL B 382 14.15 -5.95 -8.44
N ASP B 383 14.90 -7.00 -8.11
CA ASP B 383 16.35 -6.93 -8.11
C ASP B 383 16.90 -8.30 -8.51
N GLY B 384 16.80 -8.59 -9.79
CA GLY B 384 17.28 -9.83 -10.36
C GLY B 384 16.14 -10.81 -10.60
N ALA B 385 16.45 -11.81 -11.43
CA ALA B 385 15.48 -12.85 -11.74
C ALA B 385 15.08 -13.60 -10.47
N TYR B 386 13.83 -14.07 -10.46
CA TYR B 386 13.37 -14.85 -9.33
C TYR B 386 14.28 -16.06 -9.10
N SER B 387 14.56 -16.32 -7.83
CA SER B 387 15.38 -17.46 -7.43
C SER B 387 14.81 -18.06 -6.15
N TYR B 388 14.36 -19.31 -6.23
CA TYR B 388 13.91 -19.98 -5.02
C TYR B 388 15.01 -19.99 -3.96
N ASP B 389 16.27 -20.15 -4.38
CA ASP B 389 17.37 -20.12 -3.43
C ASP B 389 17.40 -18.82 -2.63
N LYS B 390 16.97 -17.72 -3.23
CA LYS B 390 16.94 -16.47 -2.48
C LYS B 390 15.85 -16.49 -1.41
N THR B 391 14.72 -17.14 -1.71
CA THR B 391 13.68 -17.29 -0.70
C THR B 391 14.19 -18.12 0.48
N VAL B 392 14.85 -19.23 0.18
CA VAL B 392 15.39 -20.08 1.24
C VAL B 392 16.33 -19.28 2.13
N GLN B 393 17.21 -18.48 1.52
CA GLN B 393 18.13 -17.69 2.33
C GLN B 393 17.38 -16.65 3.15
N ILE B 394 16.34 -16.04 2.58
CA ILE B 394 15.56 -15.07 3.33
C ILE B 394 14.93 -15.73 4.53
N VAL B 395 14.34 -16.91 4.32
CA VAL B 395 13.64 -17.60 5.40
C VAL B 395 14.61 -17.99 6.51
N LYS B 396 15.77 -18.53 6.14
CA LYS B 396 16.76 -18.92 7.14
C LYS B 396 17.20 -17.70 7.96
N ASP B 397 17.39 -16.55 7.32
CA ASP B 397 17.82 -15.37 8.05
C ASP B 397 16.71 -14.88 9.00
N VAL B 398 15.45 -15.01 8.57
CA VAL B 398 14.34 -14.68 9.45
C VAL B 398 14.34 -15.59 10.68
N GLU B 399 14.59 -16.88 10.48
CA GLU B 399 14.62 -17.82 11.59
C GLU B 399 15.54 -17.33 12.70
N SER B 400 16.76 -16.90 12.35
CA SER B 400 17.73 -16.50 13.35
C SER B 400 17.26 -15.30 14.16
N GLN B 401 16.66 -14.31 13.50
CA GLN B 401 16.21 -13.11 14.20
C GLN B 401 15.04 -13.41 15.14
N ILE B 402 14.12 -14.27 14.73
CA ILE B 402 13.00 -14.62 15.57
C ILE B 402 13.49 -15.28 16.85
N ASN B 403 14.45 -16.20 16.73
CA ASN B 403 14.96 -16.91 17.90
C ASN B 403 15.58 -15.95 18.92
N GLN B 404 16.18 -14.85 18.46
CA GLN B 404 16.74 -13.89 19.40
C GLN B 404 15.64 -13.14 20.14
N ILE B 405 14.53 -12.82 19.47
CA ILE B 405 13.42 -12.14 20.13
C ILE B 405 12.82 -13.05 21.21
N LEU B 406 12.61 -14.32 20.87
CA LEU B 406 12.01 -15.27 21.80
C LEU B 406 12.99 -15.64 22.90
#